data_3PWN
#
_entry.id   3PWN
#
_cell.length_a   58.242
_cell.length_b   84.433
_cell.length_c   83.908
_cell.angle_alpha   90.000
_cell.angle_beta   89.980
_cell.angle_gamma   90.000
#
_symmetry.space_group_name_H-M   'P 1 21 1'
#
loop_
_entity.id
_entity.type
_entity.pdbx_description
1 polymer 'HLA class I histocompatibility antigen, A-2 alpha chain'
2 polymer Beta-2-microglobulin
3 polymer 'HuD (G2L) peptide'
4 non-polymer GLYCEROL
5 water water
#
loop_
_entity_poly.entity_id
_entity_poly.type
_entity_poly.pdbx_seq_one_letter_code
_entity_poly.pdbx_strand_id
1 'polypeptide(L)'
;GSHSMRYFFTSVSRPGRGEPRFIAVGYVDDTQFVRFDSDAASQRMEPRAPWIEQEGPEYWDGETRKVKAHSQTHRVDLGT
LRGYYNQSEAGSHTVQRMYGCDVGSDWRFLRGYHQYAYDGKDYIALKEDLRSWTAADMAAQTTKHKWEAAHVAEQLRAYL
EGTCVEWLRRYLENGKETLQRTDAPKTHMTHHAVSDHEATLRCWALSFYPAEITLTWQRDGEDQTQDTELVETRPAGDGT
FQKWAAVVVPSGQEQRYTCHVQHEGLPKPLTLRWE
;
A,D
2 'polypeptide(L)'
;MIQRTPKIQVYSRHPAENGKSNFLNCYVSGFHPSDIEVDLLKNGERIEKVEHSDLSFSKDWSFYLLYYTEFTPTEKDEYA
CRVNHVTLSQPKIVKWDRDM
;
B,E
3 'polypeptide(L)' LLYGFVNYI C,F
#
# COMPACT_ATOMS: atom_id res chain seq x y z
N GLY A 1 -5.23 8.51 -13.44
CA GLY A 1 -5.34 9.61 -12.43
C GLY A 1 -3.98 10.09 -11.92
N SER A 2 -3.17 9.19 -11.34
CA SER A 2 -1.91 9.56 -10.67
C SER A 2 -0.75 9.69 -11.61
N HIS A 3 0.25 10.48 -11.21
CA HIS A 3 1.37 10.83 -12.08
C HIS A 3 2.69 10.84 -11.35
N SER A 4 3.79 10.76 -12.13
CA SER A 4 5.13 10.76 -11.58
CA SER A 4 5.14 10.74 -11.59
C SER A 4 6.09 11.53 -12.46
N MET A 5 7.09 12.12 -11.83
CA MET A 5 8.26 12.59 -12.55
C MET A 5 9.47 11.80 -12.03
N ARG A 6 10.30 11.26 -12.91
CA ARG A 6 11.42 10.48 -12.41
C ARG A 6 12.61 10.82 -13.26
N TYR A 7 13.80 10.91 -12.65
CA TYR A 7 15.06 11.05 -13.37
C TYR A 7 15.90 9.83 -13.05
N PHE A 8 16.58 9.34 -14.08
CA PHE A 8 17.35 8.07 -14.04
C PHE A 8 18.75 8.39 -14.53
N PHE A 9 19.77 7.98 -13.78
CA PHE A 9 21.14 8.34 -14.10
C PHE A 9 21.95 7.08 -14.02
N THR A 10 22.80 6.88 -15.00
CA THR A 10 23.65 5.70 -15.03
C THR A 10 25.04 6.15 -15.35
N SER A 11 26.01 5.76 -14.54
CA SER A 11 27.44 6.01 -14.87
CA SER A 11 27.42 6.03 -14.89
C SER A 11 28.24 4.75 -14.87
N VAL A 12 29.02 4.53 -15.93
CA VAL A 12 29.72 3.26 -16.06
C VAL A 12 31.20 3.53 -16.26
N SER A 13 32.06 2.96 -15.42
CA SER A 13 33.50 3.13 -15.64
C SER A 13 34.00 2.28 -16.79
N ARG A 14 35.08 2.75 -17.45
CA ARG A 14 35.60 2.11 -18.64
C ARG A 14 37.13 2.02 -18.51
N PRO A 15 37.63 0.99 -17.78
CA PRO A 15 39.05 0.83 -17.43
C PRO A 15 40.00 0.97 -18.60
N GLY A 16 40.81 2.04 -18.57
CA GLY A 16 41.78 2.35 -19.63
C GLY A 16 41.23 2.80 -20.98
N ARG A 17 39.92 3.04 -21.06
CA ARG A 17 39.26 3.49 -22.28
C ARG A 17 38.63 4.86 -21.98
N GLY A 18 39.30 5.62 -21.13
CA GLY A 18 38.91 6.99 -20.79
C GLY A 18 37.92 7.11 -19.65
N GLU A 19 37.27 8.27 -19.60
CA GLU A 19 36.39 8.63 -18.49
C GLU A 19 35.03 7.88 -18.55
N PRO A 20 34.32 7.81 -17.40
CA PRO A 20 33.05 7.06 -17.37
C PRO A 20 31.99 7.59 -18.34
N ARG A 21 31.16 6.67 -18.86
CA ARG A 21 30.00 7.02 -19.70
C ARG A 21 28.89 7.44 -18.73
N PHE A 22 28.23 8.57 -18.97
CA PHE A 22 27.12 9.04 -18.12
C PHE A 22 25.92 9.25 -19.00
N ILE A 23 24.78 8.67 -18.62
CA ILE A 23 23.52 8.84 -19.38
C ILE A 23 22.48 9.28 -18.39
N ALA A 24 21.77 10.37 -18.66
CA ALA A 24 20.66 10.78 -17.85
C ALA A 24 19.41 10.86 -18.68
N VAL A 25 18.30 10.37 -18.14
CA VAL A 25 16.99 10.52 -18.82
C VAL A 25 15.93 10.94 -17.82
N GLY A 26 14.98 11.71 -18.30
CA GLY A 26 13.87 12.14 -17.44
C GLY A 26 12.54 11.69 -18.03
N TYR A 27 11.62 11.22 -17.18
CA TYR A 27 10.30 10.78 -17.61
C TYR A 27 9.20 11.49 -16.85
N VAL A 28 8.07 11.77 -17.52
CA VAL A 28 6.79 12.01 -16.82
C VAL A 28 5.96 10.79 -17.12
N ASP A 29 5.55 10.08 -16.06
CA ASP A 29 4.85 8.78 -16.23
C ASP A 29 5.70 7.86 -17.11
N ASP A 30 5.12 7.31 -18.18
CA ASP A 30 5.87 6.48 -19.12
C ASP A 30 6.31 7.19 -20.37
N THR A 31 6.45 8.54 -20.29
CA THR A 31 6.81 9.34 -21.46
C THR A 31 8.15 10.03 -21.20
N GLN A 32 9.19 9.65 -21.96
CA GLN A 32 10.51 10.31 -21.80
C GLN A 32 10.43 11.74 -22.34
N PHE A 33 11.08 12.67 -21.64
CA PHE A 33 11.07 14.07 -22.11
C PHE A 33 12.42 14.75 -22.28
N VAL A 34 13.47 14.20 -21.66
CA VAL A 34 14.83 14.74 -21.77
C VAL A 34 15.85 13.62 -21.75
N ARG A 35 17.02 13.92 -22.31
CA ARG A 35 18.20 13.05 -22.19
C ARG A 35 19.49 13.87 -22.16
N PHE A 36 20.53 13.28 -21.57
CA PHE A 36 21.91 13.76 -21.69
C PHE A 36 22.79 12.51 -21.85
N ASP A 37 23.72 12.56 -22.78
CA ASP A 37 24.69 11.45 -22.96
C ASP A 37 26.08 12.08 -23.01
N SER A 38 26.94 11.75 -22.03
CA SER A 38 28.32 12.32 -21.93
C SER A 38 29.19 12.05 -23.16
N ASP A 39 28.87 10.97 -23.87
CA ASP A 39 29.57 10.62 -25.12
C ASP A 39 29.11 11.33 -26.39
N ALA A 40 28.00 12.07 -26.33
CA ALA A 40 27.42 12.68 -27.52
C ALA A 40 28.12 13.99 -27.86
N ALA A 41 27.94 14.44 -29.10
CA ALA A 41 28.64 15.62 -29.56
C ALA A 41 28.10 16.90 -28.96
N SER A 42 26.79 16.97 -28.74
CA SER A 42 26.15 18.24 -28.33
C SER A 42 26.59 18.77 -26.97
N GLN A 43 26.85 17.87 -26.02
CA GLN A 43 27.09 18.23 -24.63
C GLN A 43 25.96 19.07 -24.03
N ARG A 44 24.74 18.79 -24.46
CA ARG A 44 23.55 19.52 -23.98
C ARG A 44 22.50 18.58 -23.48
N MET A 45 21.73 19.03 -22.49
CA MET A 45 20.46 18.36 -22.19
C MET A 45 19.54 18.60 -23.39
N GLU A 46 18.97 17.51 -23.89
CA GLU A 46 18.22 17.50 -25.16
C GLU A 46 16.76 17.14 -24.95
N PRO A 47 15.85 17.83 -25.68
CA PRO A 47 14.44 17.40 -25.61
C PRO A 47 14.17 16.08 -26.30
N ARG A 48 13.23 15.34 -25.74
CA ARG A 48 12.84 14.02 -26.27
C ARG A 48 11.33 13.86 -26.30
N ALA A 49 10.63 14.98 -26.06
CA ALA A 49 9.16 15.03 -26.16
C ALA A 49 8.75 16.34 -26.76
N PRO A 50 7.73 16.37 -27.62
CA PRO A 50 7.38 17.66 -28.26
C PRO A 50 7.03 18.81 -27.27
N TRP A 51 6.37 18.46 -26.18
CA TRP A 51 5.86 19.48 -25.27
C TRP A 51 6.93 20.12 -24.40
N ILE A 52 8.15 19.54 -24.38
CA ILE A 52 9.20 20.17 -23.56
C ILE A 52 9.94 21.21 -24.41
N GLU A 53 9.76 21.13 -25.72
CA GLU A 53 10.52 21.98 -26.66
C GLU A 53 10.30 23.45 -26.45
N GLN A 54 9.11 23.81 -25.95
CA GLN A 54 8.72 25.22 -25.73
C GLN A 54 9.43 25.86 -24.55
N GLU A 55 10.13 25.06 -23.74
CA GLU A 55 10.91 25.62 -22.66
C GLU A 55 12.01 26.50 -23.22
N GLY A 56 12.23 27.61 -22.51
CA GLY A 56 13.15 28.65 -22.96
C GLY A 56 14.62 28.31 -22.83
N PRO A 57 15.46 29.20 -23.34
CA PRO A 57 16.92 28.98 -23.31
C PRO A 57 17.51 28.85 -21.89
N GLU A 58 16.92 29.53 -20.91
CA GLU A 58 17.35 29.45 -19.50
C GLU A 58 17.14 28.05 -18.97
N TYR A 59 16.01 27.43 -19.36
CA TYR A 59 15.74 26.05 -18.99
C TYR A 59 16.85 25.15 -19.52
N TRP A 60 17.14 25.24 -20.82
CA TRP A 60 18.12 24.35 -21.43
C TRP A 60 19.55 24.57 -20.93
N ASP A 61 19.91 25.84 -20.77
CA ASP A 61 21.22 26.15 -20.22
C ASP A 61 21.35 25.62 -18.80
N GLY A 62 20.31 25.82 -17.99
CA GLY A 62 20.37 25.43 -16.58
C GLY A 62 20.32 23.93 -16.39
N GLU A 63 19.45 23.26 -17.14
CA GLU A 63 19.45 21.77 -17.14
C GLU A 63 20.76 21.16 -17.65
N THR A 64 21.40 21.76 -18.64
CA THR A 64 22.72 21.33 -19.09
C THR A 64 23.76 21.50 -17.99
N ARG A 65 23.73 22.65 -17.31
CA ARG A 65 24.64 22.93 -16.20
C ARG A 65 24.47 21.91 -15.08
N LYS A 66 23.22 21.64 -14.71
CA LYS A 66 22.96 20.73 -13.59
C LYS A 66 23.30 19.28 -13.92
N VAL A 67 23.01 18.88 -15.15
CA VAL A 67 23.21 17.48 -15.51
C VAL A 67 24.69 17.16 -15.65
N LYS A 68 25.46 18.17 -16.12
CA LYS A 68 26.91 18.07 -16.13
C LYS A 68 27.48 17.99 -14.73
N ALA A 69 26.90 18.74 -13.78
CA ALA A 69 27.34 18.65 -12.37
C ALA A 69 27.08 17.26 -11.81
N HIS A 70 25.88 16.68 -12.06
CA HIS A 70 25.54 15.28 -11.69
C HIS A 70 26.56 14.33 -12.32
N SER A 71 26.86 14.55 -13.60
CA SER A 71 27.86 13.71 -14.31
C SER A 71 29.22 13.69 -13.58
N GLN A 72 29.69 14.87 -13.19
CA GLN A 72 30.98 14.97 -12.50
C GLN A 72 30.95 14.30 -11.12
N THR A 73 29.85 14.44 -10.39
CA THR A 73 29.69 13.84 -9.06
CA THR A 73 29.82 13.84 -9.05
C THR A 73 29.82 12.32 -9.16
N HIS A 74 29.17 11.77 -10.18
CA HIS A 74 29.07 10.32 -10.34
CA HIS A 74 29.08 10.33 -10.30
C HIS A 74 30.42 9.78 -10.80
N ARG A 75 31.16 10.59 -11.54
CA ARG A 75 32.55 10.26 -11.85
C ARG A 75 33.40 10.10 -10.58
N VAL A 76 33.26 11.07 -9.68
CA VAL A 76 33.94 11.02 -8.38
C VAL A 76 33.46 9.80 -7.58
N ASP A 77 32.15 9.54 -7.61
CA ASP A 77 31.55 8.43 -6.84
C ASP A 77 32.14 7.07 -7.25
N LEU A 78 32.37 6.89 -8.54
CA LEU A 78 32.95 5.61 -8.99
C LEU A 78 34.33 5.34 -8.37
N GLY A 79 35.17 6.39 -8.24
CA GLY A 79 36.44 6.26 -7.50
C GLY A 79 36.25 6.02 -6.01
N THR A 80 35.37 6.79 -5.40
CA THR A 80 35.00 6.59 -3.96
C THR A 80 34.57 5.19 -3.67
N LEU A 81 33.72 4.64 -4.54
CA LEU A 81 33.20 3.29 -4.31
C LEU A 81 34.22 2.21 -4.47
N ARG A 82 35.14 2.33 -5.46
CA ARG A 82 36.30 1.48 -5.58
C ARG A 82 37.06 1.45 -4.25
N GLY A 83 37.22 2.61 -3.61
CA GLY A 83 37.90 2.69 -2.29
C GLY A 83 37.11 1.99 -1.20
N TYR A 84 35.81 2.27 -1.15
CA TYR A 84 34.99 1.63 -0.11
C TYR A 84 34.98 0.10 -0.20
N TYR A 85 35.02 -0.43 -1.42
CA TYR A 85 34.93 -1.88 -1.55
C TYR A 85 36.26 -2.55 -1.86
N ASN A 86 37.35 -1.76 -1.81
CA ASN A 86 38.71 -2.21 -2.08
C ASN A 86 38.81 -2.93 -3.44
N GLN A 87 38.26 -2.29 -4.46
CA GLN A 87 38.21 -2.90 -5.78
C GLN A 87 39.30 -2.31 -6.62
N SER A 88 39.71 -3.07 -7.62
CA SER A 88 40.82 -2.68 -8.49
C SER A 88 40.34 -1.89 -9.71
N GLU A 89 41.30 -1.48 -10.53
CA GLU A 89 41.03 -0.86 -11.84
C GLU A 89 40.80 -1.90 -12.96
N ALA A 90 40.79 -3.19 -12.65
CA ALA A 90 40.68 -4.21 -13.72
C ALA A 90 39.28 -4.25 -14.41
N GLY A 91 38.26 -3.86 -13.63
CA GLY A 91 36.89 -4.09 -13.99
C GLY A 91 36.05 -2.84 -14.13
N SER A 92 35.01 -2.94 -14.96
CA SER A 92 34.06 -1.85 -15.09
C SER A 92 33.04 -1.94 -13.94
N HIS A 93 32.57 -0.78 -13.45
CA HIS A 93 31.53 -0.77 -12.42
C HIS A 93 30.45 0.24 -12.77
N THR A 94 29.30 0.12 -12.12
CA THR A 94 28.10 0.88 -12.52
C THR A 94 27.50 1.56 -11.30
N VAL A 95 27.28 2.87 -11.37
CA VAL A 95 26.46 3.54 -10.36
C VAL A 95 25.16 3.98 -11.01
N GLN A 96 24.06 3.81 -10.28
CA GLN A 96 22.76 4.25 -10.77
C GLN A 96 22.07 5.08 -9.73
N ARG A 97 21.38 6.12 -10.17
CA ARG A 97 20.64 6.95 -9.23
CA ARG A 97 20.64 6.94 -9.23
C ARG A 97 19.29 7.20 -9.87
N MET A 98 18.24 7.12 -9.03
CA MET A 98 16.89 7.45 -9.44
C MET A 98 16.30 8.40 -8.42
N TYR A 99 15.63 9.47 -8.88
CA TYR A 99 14.83 10.21 -7.91
C TYR A 99 13.58 10.78 -8.56
N GLY A 100 12.62 11.18 -7.73
CA GLY A 100 11.42 11.79 -8.28
C GLY A 100 10.28 11.84 -7.33
N CYS A 101 9.11 12.19 -7.83
CA CYS A 101 7.96 12.47 -6.96
C CYS A 101 6.71 11.90 -7.60
N ASP A 102 5.72 11.48 -6.77
CA ASP A 102 4.43 10.95 -7.23
C ASP A 102 3.36 11.92 -6.74
N VAL A 103 2.34 12.18 -7.56
CA VAL A 103 1.18 12.96 -7.18
C VAL A 103 -0.09 12.13 -7.41
N GLY A 104 -1.17 12.44 -6.71
CA GLY A 104 -2.40 11.69 -6.88
C GLY A 104 -3.22 12.24 -8.06
N SER A 105 -4.45 11.73 -8.25
CA SER A 105 -5.39 12.26 -9.25
C SER A 105 -5.67 13.75 -9.09
N ASP A 106 -5.57 14.26 -7.85
CA ASP A 106 -5.79 15.69 -7.54
C ASP A 106 -4.53 16.54 -7.66
N TRP A 107 -3.45 15.87 -8.09
CA TRP A 107 -2.08 16.42 -8.34
C TRP A 107 -1.38 16.94 -7.09
N ARG A 108 -1.86 16.50 -5.93
CA ARG A 108 -1.11 16.82 -4.74
C ARG A 108 -0.09 15.74 -4.49
N PHE A 109 1.00 16.14 -3.85
CA PHE A 109 2.13 15.24 -3.53
C PHE A 109 1.68 13.98 -2.77
N LEU A 110 2.20 12.82 -3.18
CA LEU A 110 1.88 11.53 -2.61
C LEU A 110 3.11 11.03 -1.83
N ARG A 111 4.20 10.89 -2.59
CA ARG A 111 5.50 10.44 -2.05
C ARG A 111 6.69 10.90 -2.88
N GLY A 112 7.86 10.92 -2.25
CA GLY A 112 9.10 11.22 -2.96
C GLY A 112 10.05 10.04 -2.83
N TYR A 113 11.09 10.02 -3.66
CA TYR A 113 12.09 8.94 -3.57
C TYR A 113 13.40 9.40 -4.11
N HIS A 114 14.50 8.80 -3.62
CA HIS A 114 15.80 9.18 -4.07
C HIS A 114 16.68 8.00 -3.68
N GLN A 115 17.13 7.26 -4.69
CA GLN A 115 17.72 5.94 -4.48
C GLN A 115 18.99 5.79 -5.28
N TYR A 116 19.94 5.01 -4.76
CA TYR A 116 21.20 4.76 -5.42
C TYR A 116 21.50 3.26 -5.40
N ALA A 117 22.09 2.78 -6.50
CA ALA A 117 22.60 1.38 -6.63
C ALA A 117 24.06 1.37 -7.08
N TYR A 118 24.80 0.40 -6.59
CA TYR A 118 26.16 0.17 -7.10
C TYR A 118 26.20 -1.27 -7.58
N ASP A 119 26.66 -1.45 -8.82
CA ASP A 119 26.75 -2.75 -9.51
C ASP A 119 25.45 -3.57 -9.41
N GLY A 120 24.35 -2.84 -9.61
CA GLY A 120 23.03 -3.47 -9.72
C GLY A 120 22.33 -3.88 -8.45
N LYS A 121 22.91 -3.53 -7.32
CA LYS A 121 22.32 -3.80 -6.02
C LYS A 121 22.03 -2.49 -5.26
N ASP A 122 20.94 -2.48 -4.49
CA ASP A 122 20.65 -1.30 -3.62
C ASP A 122 21.88 -0.87 -2.82
N TYR A 123 22.11 0.43 -2.79
CA TYR A 123 23.21 1.02 -2.02
C TYR A 123 22.65 1.88 -0.85
N ILE A 124 21.96 2.95 -1.19
CA ILE A 124 21.37 3.83 -0.18
C ILE A 124 20.09 4.43 -0.74
N ALA A 125 19.10 4.60 0.12
CA ALA A 125 17.77 5.10 -0.31
C ALA A 125 17.23 6.04 0.75
N LEU A 126 16.65 7.15 0.32
CA LEU A 126 15.88 8.00 1.22
C LEU A 126 14.59 7.32 1.63
N LYS A 127 14.30 7.35 2.92
CA LYS A 127 13.11 6.67 3.43
C LYS A 127 11.90 7.51 3.06
N GLU A 128 10.72 6.93 3.29
CA GLU A 128 9.47 7.53 2.86
C GLU A 128 9.20 8.84 3.63
N ASP A 129 9.79 8.99 4.81
CA ASP A 129 9.64 10.25 5.60
C ASP A 129 10.47 11.42 5.06
N LEU A 130 11.38 11.12 4.13
CA LEU A 130 12.29 12.09 3.50
C LEU A 130 13.27 12.76 4.50
N ARG A 131 13.52 12.09 5.63
CA ARG A 131 14.29 12.65 6.75
C ARG A 131 15.43 11.72 7.16
N SER A 132 15.37 10.49 6.66
CA SER A 132 16.21 9.38 7.15
C SER A 132 16.58 8.43 5.98
N TRP A 133 17.62 7.62 6.19
CA TRP A 133 18.21 6.80 5.12
C TRP A 133 18.23 5.32 5.41
N THR A 134 18.08 4.51 4.37
CA THR A 134 18.28 3.06 4.45
C THR A 134 19.58 2.73 3.71
N ALA A 135 20.56 2.22 4.45
CA ALA A 135 21.88 1.87 3.87
C ALA A 135 21.97 0.35 3.85
N ALA A 136 22.30 -0.19 2.66
CA ALA A 136 22.08 -1.58 2.39
C ALA A 136 23.20 -2.48 2.87
N ASP A 137 24.36 -1.89 3.19
CA ASP A 137 25.55 -2.61 3.62
C ASP A 137 26.47 -1.68 4.41
N MET A 138 27.63 -2.15 4.82
CA MET A 138 28.55 -1.31 5.61
C MET A 138 29.14 -0.11 4.89
N ALA A 139 29.48 -0.28 3.60
CA ALA A 139 29.97 0.87 2.82
C ALA A 139 28.96 1.98 2.71
N ALA A 140 27.69 1.63 2.51
CA ALA A 140 26.64 2.63 2.41
C ALA A 140 26.40 3.31 3.77
N GLN A 141 26.75 2.64 4.89
CA GLN A 141 26.68 3.31 6.20
C GLN A 141 27.66 4.48 6.26
N THR A 142 28.81 4.35 5.58
CA THR A 142 29.76 5.48 5.49
C THR A 142 29.14 6.69 4.78
N THR A 143 28.51 6.42 3.62
CA THR A 143 27.71 7.44 2.93
C THR A 143 26.60 8.03 3.80
N LYS A 144 25.91 7.18 4.55
CA LYS A 144 24.83 7.65 5.43
C LYS A 144 25.38 8.65 6.47
N HIS A 145 26.51 8.33 7.11
CA HIS A 145 27.08 9.25 8.11
C HIS A 145 27.42 10.60 7.47
N LYS A 146 28.03 10.55 6.29
CA LYS A 146 28.43 11.78 5.57
C LYS A 146 27.21 12.62 5.17
N TRP A 147 26.17 11.93 4.68
CA TRP A 147 24.92 12.60 4.25
C TRP A 147 24.13 13.14 5.43
N GLU A 148 24.18 12.45 6.57
CA GLU A 148 23.52 12.96 7.76
C GLU A 148 24.26 14.21 8.26
N ALA A 149 25.59 14.16 8.32
CA ALA A 149 26.35 15.34 8.81
C ALA A 149 26.18 16.57 7.88
N ALA A 150 25.92 16.30 6.60
CA ALA A 150 25.80 17.38 5.59
C ALA A 150 24.34 17.82 5.34
N HIS A 151 23.41 17.18 6.05
CA HIS A 151 21.97 17.51 5.96
C HIS A 151 21.41 17.40 4.53
N VAL A 152 21.84 16.32 3.88
CA VAL A 152 21.46 16.04 2.48
C VAL A 152 19.93 15.78 2.40
N ALA A 153 19.39 15.04 3.39
CA ALA A 153 17.95 14.70 3.39
C ALA A 153 17.07 15.95 3.37
N GLU A 154 17.45 16.96 4.16
CA GLU A 154 16.69 18.20 4.21
C GLU A 154 16.64 18.92 2.87
N GLN A 155 17.74 18.92 2.14
CA GLN A 155 17.82 19.51 0.82
C GLN A 155 16.94 18.78 -0.19
N LEU A 156 17.00 17.46 -0.13
CA LEU A 156 16.19 16.63 -1.02
C LEU A 156 14.69 16.76 -0.73
N ARG A 157 14.33 16.75 0.55
CA ARG A 157 12.94 16.92 0.97
C ARG A 157 12.32 18.20 0.43
N ALA A 158 13.05 19.31 0.52
CA ALA A 158 12.55 20.57 -0.02
C ALA A 158 12.34 20.50 -1.54
N TYR A 159 13.23 19.79 -2.26
CA TYR A 159 13.04 19.62 -3.68
C TYR A 159 11.87 18.70 -4.02
N LEU A 160 11.81 17.56 -3.33
CA LEU A 160 10.88 16.50 -3.70
C LEU A 160 9.44 16.95 -3.43
N GLU A 161 9.26 17.70 -2.33
CA GLU A 161 7.93 18.17 -1.92
C GLU A 161 7.51 19.48 -2.57
N GLY A 162 8.46 20.22 -3.13
CA GLY A 162 8.14 21.56 -3.62
C GLY A 162 8.40 21.59 -5.11
N THR A 163 9.65 21.91 -5.47
CA THR A 163 10.11 22.06 -6.85
C THR A 163 9.69 20.91 -7.78
N CYS A 164 9.93 19.67 -7.33
CA CYS A 164 9.65 18.48 -8.14
C CYS A 164 8.16 18.44 -8.55
N VAL A 165 7.28 18.66 -7.57
CA VAL A 165 5.83 18.59 -7.74
C VAL A 165 5.36 19.76 -8.59
N GLU A 166 5.99 20.93 -8.40
CA GLU A 166 5.60 22.13 -9.16
C GLU A 166 5.92 21.97 -10.66
N TRP A 167 7.09 21.40 -10.95
CA TRP A 167 7.50 21.23 -12.34
C TRP A 167 6.73 20.08 -13.00
N LEU A 168 6.49 18.98 -12.25
CA LEU A 168 5.59 17.91 -12.73
C LEU A 168 4.23 18.47 -13.13
N ARG A 169 3.63 19.30 -12.28
CA ARG A 169 2.32 19.94 -12.62
C ARG A 169 2.41 20.78 -13.89
N ARG A 170 3.48 21.57 -14.02
CA ARG A 170 3.70 22.36 -15.24
C ARG A 170 3.81 21.47 -16.50
N TYR A 171 4.58 20.38 -16.40
CA TYR A 171 4.74 19.46 -17.55
C TYR A 171 3.41 18.80 -17.93
N LEU A 172 2.66 18.35 -16.91
CA LEU A 172 1.32 17.75 -17.13
C LEU A 172 0.35 18.70 -17.85
N GLU A 173 0.41 19.99 -17.49
CA GLU A 173 -0.39 21.02 -18.14
C GLU A 173 0.06 21.27 -19.57
N ASN A 174 1.37 21.52 -19.74
CA ASN A 174 1.93 21.81 -21.07
C ASN A 174 1.82 20.68 -22.05
N GLY A 175 1.95 19.46 -21.53
CA GLY A 175 1.88 18.23 -22.31
C GLY A 175 0.58 17.49 -22.17
N LYS A 176 -0.49 18.23 -21.91
CA LYS A 176 -1.77 17.65 -21.53
C LYS A 176 -2.34 16.63 -22.50
N GLU A 177 -2.24 16.91 -23.79
CA GLU A 177 -2.76 16.02 -24.84
C GLU A 177 -2.02 14.67 -24.85
N THR A 178 -0.70 14.69 -24.64
CA THR A 178 0.13 13.46 -24.50
C THR A 178 0.03 12.79 -23.14
N LEU A 179 0.14 13.60 -22.09
CA LEU A 179 0.32 13.07 -20.76
C LEU A 179 -0.95 12.77 -19.99
N GLN A 180 -1.99 13.57 -20.20
CA GLN A 180 -3.28 13.34 -19.56
C GLN A 180 -4.15 12.67 -20.61
N ARG A 181 -3.75 11.48 -20.98
CA ARG A 181 -4.56 10.71 -21.86
C ARG A 181 -4.52 9.30 -21.31
N THR A 182 -5.57 8.57 -21.63
CA THR A 182 -5.53 7.18 -21.35
CA THR A 182 -5.59 7.15 -21.33
C THR A 182 -5.97 6.49 -22.64
N ASP A 183 -5.14 5.56 -23.10
CA ASP A 183 -5.51 4.80 -24.29
C ASP A 183 -5.82 3.39 -23.78
N ALA A 184 -7.07 2.95 -23.91
CA ALA A 184 -7.44 1.61 -23.42
C ALA A 184 -6.86 0.52 -24.32
N PRO A 185 -6.50 -0.63 -23.76
CA PRO A 185 -5.98 -1.66 -24.63
C PRO A 185 -6.98 -2.25 -25.61
N LYS A 186 -6.47 -2.51 -26.81
CA LYS A 186 -7.21 -3.25 -27.80
C LYS A 186 -6.82 -4.70 -27.56
N THR A 187 -7.82 -5.52 -27.23
CA THR A 187 -7.51 -6.88 -26.77
C THR A 187 -8.05 -7.98 -27.69
N HIS A 188 -7.35 -9.10 -27.70
CA HIS A 188 -7.82 -10.31 -28.43
C HIS A 188 -7.03 -11.49 -27.88
N MET A 189 -7.42 -12.69 -28.28
CA MET A 189 -6.64 -13.84 -27.97
C MET A 189 -6.34 -14.61 -29.25
N THR A 190 -5.16 -15.26 -29.30
CA THR A 190 -4.85 -16.08 -30.49
C THR A 190 -4.72 -17.54 -30.04
N HIS A 191 -4.96 -18.44 -30.97
CA HIS A 191 -4.97 -19.87 -30.71
C HIS A 191 -4.12 -20.54 -31.76
N HIS A 192 -3.10 -21.31 -31.33
CA HIS A 192 -2.31 -22.08 -32.30
C HIS A 192 -1.91 -23.41 -31.76
N ALA A 193 -2.19 -24.45 -32.51
CA ALA A 193 -1.85 -25.83 -32.08
C ALA A 193 -0.34 -25.94 -32.01
N VAL A 194 0.18 -26.62 -31.00
CA VAL A 194 1.62 -26.91 -30.96
C VAL A 194 1.86 -28.39 -31.24
N SER A 195 0.79 -29.17 -31.19
CA SER A 195 0.82 -30.60 -31.53
C SER A 195 -0.62 -31.03 -31.80
N ASP A 196 -0.87 -32.33 -31.94
CA ASP A 196 -2.25 -32.82 -32.11
C ASP A 196 -3.02 -32.79 -30.80
N HIS A 197 -2.33 -32.50 -29.71
CA HIS A 197 -2.96 -32.58 -28.44
C HIS A 197 -2.87 -31.35 -27.58
N GLU A 198 -2.12 -30.33 -27.99
CA GLU A 198 -1.98 -29.12 -27.18
C GLU A 198 -2.05 -27.86 -28.02
N ALA A 199 -2.53 -26.77 -27.41
CA ALA A 199 -2.57 -25.49 -28.10
C ALA A 199 -2.06 -24.35 -27.27
N THR A 200 -1.41 -23.38 -27.90
CA THR A 200 -1.03 -22.14 -27.19
C THR A 200 -2.17 -21.13 -27.29
N LEU A 201 -2.62 -20.63 -26.12
CA LEU A 201 -3.58 -19.54 -26.03
C LEU A 201 -2.82 -18.32 -25.60
N ARG A 202 -2.86 -17.26 -26.39
CA ARG A 202 -2.08 -16.08 -26.07
C ARG A 202 -3.05 -14.89 -26.02
N CYS A 203 -3.08 -14.21 -24.86
CA CYS A 203 -3.95 -13.07 -24.61
C CYS A 203 -3.15 -11.79 -24.85
N TRP A 204 -3.63 -10.95 -25.77
CA TRP A 204 -2.96 -9.73 -26.22
C TRP A 204 -3.65 -8.48 -25.74
N ALA A 205 -2.83 -7.52 -25.33
CA ALA A 205 -3.24 -6.15 -25.14
C ALA A 205 -2.34 -5.23 -25.95
N LEU A 206 -2.94 -4.37 -26.76
CA LEU A 206 -2.19 -3.54 -27.71
C LEU A 206 -2.60 -2.09 -27.62
N SER A 207 -1.67 -1.19 -27.97
CA SER A 207 -2.02 0.21 -28.16
C SER A 207 -2.50 0.94 -26.90
N PHE A 208 -1.92 0.57 -25.76
CA PHE A 208 -2.40 1.18 -24.51
C PHE A 208 -1.43 2.16 -23.89
N TYR A 209 -1.96 3.07 -23.07
CA TYR A 209 -1.16 4.04 -22.32
C TYR A 209 -2.01 4.43 -21.12
N PRO A 210 -1.43 4.47 -19.89
CA PRO A 210 -0.03 4.27 -19.45
C PRO A 210 0.33 2.82 -19.49
N ALA A 211 1.58 2.52 -19.17
CA ALA A 211 2.09 1.15 -19.35
C ALA A 211 1.54 0.13 -18.34
N GLU A 212 1.13 0.59 -17.16
CA GLU A 212 0.58 -0.28 -16.09
C GLU A 212 -0.63 -1.05 -16.61
N ILE A 213 -0.57 -2.38 -16.51
CA ILE A 213 -1.65 -3.26 -16.98
C ILE A 213 -1.50 -4.61 -16.26
N THR A 214 -2.61 -5.34 -16.10
CA THR A 214 -2.54 -6.68 -15.58
C THR A 214 -3.24 -7.61 -16.56
N LEU A 215 -2.60 -8.71 -16.89
CA LEU A 215 -3.21 -9.71 -17.75
C LEU A 215 -3.09 -11.01 -17.02
N THR A 216 -4.19 -11.74 -16.87
CA THR A 216 -4.14 -13.01 -16.13
C THR A 216 -4.99 -14.07 -16.83
N TRP A 217 -4.57 -15.33 -16.74
CA TRP A 217 -5.40 -16.44 -17.26
C TRP A 217 -6.05 -17.17 -16.09
N GLN A 218 -7.31 -17.58 -16.27
CA GLN A 218 -7.99 -18.45 -15.30
C GLN A 218 -8.43 -19.72 -16.00
N ARG A 219 -8.48 -20.84 -15.26
CA ARG A 219 -9.03 -22.10 -15.76
C ARG A 219 -10.18 -22.42 -14.82
N ASP A 220 -11.41 -22.49 -15.32
CA ASP A 220 -12.64 -22.58 -14.45
C ASP A 220 -12.63 -21.56 -13.31
N GLY A 221 -12.16 -20.36 -13.62
CA GLY A 221 -12.04 -19.33 -12.60
C GLY A 221 -10.86 -19.37 -11.62
N GLU A 222 -9.99 -20.36 -11.75
CA GLU A 222 -8.82 -20.46 -10.89
C GLU A 222 -7.59 -19.85 -11.60
N ASP A 223 -6.88 -18.94 -10.94
CA ASP A 223 -5.72 -18.29 -11.57
C ASP A 223 -4.65 -19.32 -11.96
N GLN A 224 -4.09 -19.13 -13.15
CA GLN A 224 -3.10 -20.05 -13.67
C GLN A 224 -1.69 -19.45 -13.64
N THR A 225 -1.33 -18.79 -12.54
CA THR A 225 -0.15 -17.91 -12.58
C THR A 225 1.19 -18.66 -12.80
N GLN A 226 1.33 -19.84 -12.20
CA GLN A 226 2.55 -20.66 -12.38
C GLN A 226 2.69 -21.28 -13.80
N ASP A 227 1.58 -21.40 -14.51
CA ASP A 227 1.59 -21.93 -15.87
C ASP A 227 1.56 -20.87 -16.97
N THR A 228 1.51 -19.60 -16.59
CA THR A 228 1.43 -18.49 -17.55
C THR A 228 2.81 -17.95 -17.91
N GLU A 229 3.08 -17.79 -19.20
CA GLU A 229 4.25 -17.03 -19.63
C GLU A 229 3.80 -15.60 -19.82
N LEU A 230 4.38 -14.71 -19.04
CA LEU A 230 3.96 -13.30 -19.14
C LEU A 230 5.14 -12.48 -19.62
N VAL A 231 5.06 -11.82 -20.77
CA VAL A 231 6.25 -11.05 -21.22
C VAL A 231 6.26 -9.66 -20.57
N GLU A 232 7.44 -9.05 -20.56
CA GLU A 232 7.60 -7.69 -20.08
C GLU A 232 6.83 -6.72 -20.99
N THR A 233 6.11 -5.76 -20.36
CA THR A 233 5.39 -4.72 -21.11
C THR A 233 6.41 -3.97 -21.99
N ARG A 234 6.10 -3.84 -23.30
CA ARG A 234 7.09 -3.37 -24.27
C ARG A 234 6.53 -2.16 -25.02
N PRO A 235 7.41 -1.26 -25.46
CA PRO A 235 6.93 -0.05 -26.15
C PRO A 235 6.67 -0.40 -27.61
N ALA A 236 5.55 0.11 -28.17
CA ALA A 236 5.30 -0.02 -29.65
C ALA A 236 6.21 0.91 -30.47
N GLY A 237 6.68 1.99 -29.84
CA GLY A 237 7.53 3.01 -30.51
C GLY A 237 6.77 4.30 -30.76
N ASP A 238 5.44 4.24 -30.65
CA ASP A 238 4.55 5.35 -30.98
C ASP A 238 3.98 6.04 -29.73
N GLY A 239 4.51 5.70 -28.56
CA GLY A 239 3.93 6.24 -27.31
C GLY A 239 2.95 5.32 -26.60
N THR A 240 2.64 4.17 -27.20
CA THR A 240 1.79 3.17 -26.57
C THR A 240 2.59 1.89 -26.27
N PHE A 241 1.94 0.99 -25.52
CA PHE A 241 2.56 -0.23 -25.02
C PHE A 241 1.80 -1.45 -25.46
N GLN A 242 2.46 -2.59 -25.30
CA GLN A 242 1.90 -3.89 -25.69
C GLN A 242 2.31 -4.88 -24.62
N LYS A 243 1.50 -5.93 -24.46
CA LYS A 243 1.85 -7.03 -23.56
C LYS A 243 1.04 -8.28 -23.93
N TRP A 244 1.63 -9.44 -23.64
CA TRP A 244 0.88 -10.67 -23.84
C TRP A 244 1.12 -11.64 -22.72
N ALA A 245 0.19 -12.57 -22.59
CA ALA A 245 0.32 -13.68 -21.65
C ALA A 245 -0.13 -14.94 -22.33
N ALA A 246 0.61 -16.03 -22.14
CA ALA A 246 0.22 -17.26 -22.82
C ALA A 246 0.17 -18.45 -21.89
N VAL A 247 -0.72 -19.35 -22.22
CA VAL A 247 -0.72 -20.70 -21.57
C VAL A 247 -0.76 -21.77 -22.65
N VAL A 248 -0.23 -22.95 -22.33
CA VAL A 248 -0.32 -24.08 -23.27
C VAL A 248 -1.31 -25.08 -22.66
N VAL A 249 -2.38 -25.40 -23.40
CA VAL A 249 -3.49 -26.15 -22.84
C VAL A 249 -3.75 -27.40 -23.66
N PRO A 250 -4.39 -28.41 -23.05
CA PRO A 250 -4.77 -29.56 -23.87
C PRO A 250 -5.92 -29.18 -24.83
N SER A 251 -5.82 -29.65 -26.07
CA SER A 251 -6.82 -29.39 -27.11
C SER A 251 -8.17 -29.94 -26.64
N GLY A 252 -9.20 -29.08 -26.68
CA GLY A 252 -10.56 -29.43 -26.28
C GLY A 252 -10.95 -28.72 -25.00
N GLN A 253 -9.95 -28.23 -24.28
CA GLN A 253 -10.22 -27.54 -23.02
C GLN A 253 -10.25 -26.05 -23.15
N GLU A 254 -10.15 -25.51 -24.37
CA GLU A 254 -10.11 -24.03 -24.58
C GLU A 254 -11.20 -23.26 -23.82
N GLN A 255 -12.43 -23.79 -23.79
CA GLN A 255 -13.55 -23.11 -23.21
C GLN A 255 -13.45 -22.99 -21.69
N ARG A 256 -12.57 -23.79 -21.05
CA ARG A 256 -12.31 -23.60 -19.62
C ARG A 256 -11.48 -22.35 -19.29
N TYR A 257 -10.78 -21.85 -20.28
CA TYR A 257 -9.78 -20.80 -20.07
C TYR A 257 -10.28 -19.42 -20.42
N THR A 258 -10.02 -18.49 -19.51
CA THR A 258 -10.45 -17.10 -19.78
C THR A 258 -9.28 -16.15 -19.52
N CYS A 259 -9.20 -15.05 -20.29
CA CYS A 259 -8.16 -14.06 -20.03
C CYS A 259 -8.78 -12.79 -19.44
N HIS A 260 -8.09 -12.15 -18.49
CA HIS A 260 -8.66 -11.05 -17.74
C HIS A 260 -7.72 -9.87 -17.85
N VAL A 261 -8.26 -8.72 -18.27
CA VAL A 261 -7.43 -7.54 -18.55
C VAL A 261 -7.88 -6.41 -17.67
N GLN A 262 -6.94 -5.79 -17.00
CA GLN A 262 -7.19 -4.64 -16.11
C GLN A 262 -6.32 -3.49 -16.60
N HIS A 263 -6.94 -2.34 -16.85
CA HIS A 263 -6.19 -1.15 -17.24
C HIS A 263 -7.04 0.06 -16.91
N GLU A 264 -6.38 1.17 -16.59
CA GLU A 264 -7.11 2.35 -16.18
C GLU A 264 -8.02 2.97 -17.25
N GLY A 265 -7.79 2.64 -18.54
CA GLY A 265 -8.62 3.09 -19.68
C GLY A 265 -9.88 2.29 -19.94
N LEU A 266 -9.99 1.15 -19.27
CA LEU A 266 -11.15 0.32 -19.37
C LEU A 266 -12.25 0.85 -18.44
N PRO A 267 -13.48 1.02 -18.96
CA PRO A 267 -14.60 1.35 -18.04
C PRO A 267 -14.85 0.25 -16.99
N LYS A 268 -14.53 -1.00 -17.36
CA LYS A 268 -14.57 -2.15 -16.47
C LYS A 268 -13.52 -3.18 -16.95
N PRO A 269 -12.99 -4.01 -16.01
CA PRO A 269 -12.10 -5.08 -16.47
C PRO A 269 -12.74 -6.04 -17.49
N LEU A 270 -11.95 -6.50 -18.45
CA LEU A 270 -12.48 -7.31 -19.51
C LEU A 270 -12.17 -8.77 -19.26
N THR A 271 -13.12 -9.60 -19.65
CA THR A 271 -12.93 -11.02 -19.65
C THR A 271 -13.11 -11.49 -21.09
N LEU A 272 -12.09 -12.16 -21.60
CA LEU A 272 -12.09 -12.67 -22.97
CA LEU A 272 -12.15 -12.68 -22.96
C LEU A 272 -12.27 -14.18 -22.91
N ARG A 273 -13.07 -14.73 -23.81
CA ARG A 273 -13.49 -16.14 -23.71
C ARG A 273 -13.35 -16.82 -25.01
N TRP A 274 -13.32 -18.15 -24.99
CA TRP A 274 -13.23 -18.96 -26.22
C TRP A 274 -14.55 -19.53 -26.62
N GLU A 275 -15.64 -18.98 -26.08
CA GLU A 275 -17.01 -19.41 -26.36
C GLU A 275 -17.91 -18.21 -26.24
N MET B 1 30.12 -10.07 -9.20
CA MET B 1 29.19 -8.99 -9.64
C MET B 1 27.82 -9.58 -10.04
N ILE B 2 26.74 -8.85 -9.72
CA ILE B 2 25.41 -9.16 -10.25
C ILE B 2 25.42 -9.13 -11.79
N GLN B 3 24.81 -10.15 -12.39
CA GLN B 3 24.58 -10.20 -13.83
C GLN B 3 23.16 -10.66 -14.05
N ARG B 4 22.44 -9.94 -14.91
CA ARG B 4 21.08 -10.35 -15.25
C ARG B 4 20.93 -10.43 -16.76
N THR B 5 20.25 -11.49 -17.20
CA THR B 5 20.19 -11.83 -18.63
C THR B 5 19.15 -10.97 -19.35
N PRO B 6 19.46 -10.47 -20.57
CA PRO B 6 18.38 -9.77 -21.27
C PRO B 6 17.20 -10.67 -21.70
N LYS B 7 16.00 -10.12 -21.54
CA LYS B 7 14.75 -10.74 -22.04
C LYS B 7 14.53 -10.05 -23.37
N ILE B 8 14.55 -10.79 -24.49
CA ILE B 8 14.54 -10.21 -25.85
C ILE B 8 13.20 -10.43 -26.52
N GLN B 9 12.59 -9.36 -27.06
CA GLN B 9 11.34 -9.53 -27.82
C GLN B 9 11.48 -8.82 -29.13
N VAL B 10 11.11 -9.52 -30.20
CA VAL B 10 11.19 -8.98 -31.59
C VAL B 10 9.78 -8.97 -32.13
N TYR B 11 9.34 -7.80 -32.65
CA TYR B 11 7.94 -7.60 -32.96
C TYR B 11 7.74 -6.34 -33.81
N SER B 12 6.62 -6.26 -34.50
CA SER B 12 6.28 -5.06 -35.28
C SER B 12 5.44 -4.13 -34.44
N ARG B 13 5.57 -2.84 -34.72
CA ARG B 13 4.76 -1.83 -34.05
C ARG B 13 3.24 -2.02 -34.28
N HIS B 14 2.87 -2.28 -35.54
CA HIS B 14 1.49 -2.53 -35.99
C HIS B 14 1.38 -3.95 -36.51
N PRO B 15 0.15 -4.52 -36.54
CA PRO B 15 -0.01 -5.82 -37.18
C PRO B 15 0.60 -5.83 -38.58
N ALA B 16 1.37 -6.87 -38.86
CA ALA B 16 2.13 -6.94 -40.11
C ALA B 16 1.25 -7.21 -41.33
N GLU B 17 1.44 -6.41 -42.38
CA GLU B 17 0.73 -6.62 -43.64
C GLU B 17 1.72 -6.47 -44.78
N ASN B 18 1.83 -7.48 -45.64
CA ASN B 18 2.81 -7.44 -46.73
C ASN B 18 2.62 -6.20 -47.59
N GLY B 19 3.70 -5.45 -47.80
CA GLY B 19 3.66 -4.29 -48.69
C GLY B 19 3.30 -2.99 -47.99
N LYS B 20 3.04 -3.09 -46.68
CA LYS B 20 2.69 -1.91 -45.91
C LYS B 20 3.81 -1.56 -44.96
N SER B 21 4.32 -0.32 -45.03
CA SER B 21 5.41 0.09 -44.08
C SER B 21 4.97 0.06 -42.62
N ASN B 22 5.94 -0.23 -41.76
CA ASN B 22 5.70 -0.57 -40.37
C ASN B 22 7.04 -0.26 -39.67
N PHE B 23 7.18 -0.67 -38.41
CA PHE B 23 8.45 -0.54 -37.67
C PHE B 23 8.75 -1.88 -37.05
N LEU B 24 9.98 -2.33 -37.19
CA LEU B 24 10.49 -3.56 -36.55
C LEU B 24 11.22 -3.17 -35.29
N ASN B 25 10.80 -3.79 -34.18
CA ASN B 25 11.36 -3.48 -32.87
C ASN B 25 12.07 -4.68 -32.29
N CYS B 26 13.20 -4.42 -31.64
CA CYS B 26 13.78 -5.38 -30.70
C CYS B 26 13.91 -4.71 -29.35
N TYR B 27 13.14 -5.22 -28.39
CA TYR B 27 13.12 -4.68 -27.04
C TYR B 27 13.93 -5.61 -26.17
N VAL B 28 14.95 -5.08 -25.51
CA VAL B 28 15.71 -5.93 -24.59
C VAL B 28 15.54 -5.34 -23.19
N SER B 29 15.16 -6.16 -22.24
CA SER B 29 14.88 -5.62 -20.88
C SER B 29 15.42 -6.55 -19.82
N GLY B 30 15.56 -6.05 -18.61
CA GLY B 30 15.87 -6.94 -17.49
C GLY B 30 17.33 -7.30 -17.34
N PHE B 31 18.19 -6.52 -18.00
CA PHE B 31 19.63 -6.89 -18.06
C PHE B 31 20.55 -6.06 -17.18
N HIS B 32 21.67 -6.65 -16.82
CA HIS B 32 22.73 -5.94 -16.04
C HIS B 32 24.03 -6.74 -16.26
N PRO B 33 25.16 -6.08 -16.53
CA PRO B 33 25.37 -4.64 -16.65
C PRO B 33 24.86 -4.08 -17.97
N SER B 34 25.09 -2.77 -18.18
CA SER B 34 24.43 -2.11 -19.29
C SER B 34 25.05 -2.37 -20.67
N ASP B 35 26.30 -2.83 -20.71
CA ASP B 35 27.01 -3.05 -21.99
C ASP B 35 26.30 -4.19 -22.73
N ILE B 36 25.79 -3.92 -23.93
CA ILE B 36 24.99 -4.91 -24.67
C ILE B 36 25.16 -4.67 -26.17
N GLU B 37 25.16 -5.73 -26.98
CA GLU B 37 25.21 -5.56 -28.42
C GLU B 37 23.91 -6.03 -28.98
N VAL B 38 23.20 -5.19 -29.73
CA VAL B 38 21.87 -5.57 -30.28
C VAL B 38 21.86 -5.23 -31.78
N ASP B 39 21.58 -6.20 -32.65
CA ASP B 39 21.44 -5.93 -34.09
C ASP B 39 20.12 -6.47 -34.63
N LEU B 40 19.48 -5.69 -35.50
CA LEU B 40 18.38 -6.24 -36.26
C LEU B 40 18.93 -6.85 -37.53
N LEU B 41 18.39 -8.02 -37.88
CA LEU B 41 18.86 -8.79 -39.05
C LEU B 41 17.77 -8.96 -40.09
N LYS B 42 18.12 -8.76 -41.36
CA LYS B 42 17.25 -9.08 -42.49
C LYS B 42 17.90 -10.18 -43.27
N ASN B 43 17.22 -11.32 -43.40
CA ASN B 43 17.76 -12.52 -44.09
C ASN B 43 19.17 -12.91 -43.65
N GLY B 44 19.38 -12.79 -42.34
CA GLY B 44 20.65 -13.09 -41.68
C GLY B 44 21.69 -11.99 -41.68
N GLU B 45 21.44 -10.87 -42.37
CA GLU B 45 22.44 -9.79 -42.47
C GLU B 45 22.07 -8.58 -41.62
N ARG B 46 23.06 -7.90 -41.06
CA ARG B 46 22.81 -6.75 -40.18
C ARG B 46 22.22 -5.57 -40.94
N ILE B 47 21.11 -5.05 -40.40
CA ILE B 47 20.45 -3.83 -40.88
C ILE B 47 21.24 -2.60 -40.36
N GLU B 48 21.57 -1.69 -41.26
CA GLU B 48 22.43 -0.54 -40.93
C GLU B 48 21.63 0.63 -40.34
N LYS B 49 20.39 0.77 -40.79
CA LYS B 49 19.59 1.96 -40.50
C LYS B 49 18.81 1.79 -39.19
N VAL B 50 19.53 1.52 -38.08
CA VAL B 50 18.87 1.13 -36.80
C VAL B 50 19.08 2.16 -35.70
N GLU B 51 17.99 2.58 -35.07
CA GLU B 51 18.04 3.55 -34.01
C GLU B 51 17.75 2.89 -32.70
N HIS B 52 18.12 3.56 -31.62
CA HIS B 52 17.78 3.02 -30.32
C HIS B 52 17.42 4.08 -29.31
N SER B 53 16.67 3.64 -28.30
CA SER B 53 16.28 4.50 -27.19
C SER B 53 17.47 4.84 -26.27
N ASP B 54 17.28 5.85 -25.44
CA ASP B 54 18.29 6.23 -24.47
C ASP B 54 18.26 5.27 -23.29
N LEU B 55 19.44 4.87 -22.82
CA LEU B 55 19.53 3.87 -21.72
C LEU B 55 18.76 4.31 -20.46
N SER B 56 17.83 3.43 -20.05
CA SER B 56 17.04 3.67 -18.86
C SER B 56 16.95 2.35 -18.09
N PHE B 57 16.32 2.41 -16.91
CA PHE B 57 16.23 1.25 -16.08
C PHE B 57 14.97 1.20 -15.26
N SER B 58 14.67 -0.01 -14.78
CA SER B 58 13.45 -0.29 -14.06
C SER B 58 13.64 -0.12 -12.56
N LYS B 59 12.54 -0.28 -11.84
CA LYS B 59 12.52 -0.26 -10.37
C LYS B 59 13.62 -1.11 -9.69
N ASP B 60 13.89 -2.27 -10.27
CA ASP B 60 14.86 -3.23 -9.76
C ASP B 60 16.29 -3.04 -10.24
N TRP B 61 16.48 -1.91 -10.97
CA TRP B 61 17.77 -1.42 -11.46
C TRP B 61 18.19 -2.05 -12.77
N SER B 62 17.38 -2.98 -13.25
CA SER B 62 17.74 -3.64 -14.52
C SER B 62 17.44 -2.72 -15.73
N PHE B 63 18.31 -2.80 -16.71
CA PHE B 63 18.25 -1.87 -17.84
C PHE B 63 17.28 -2.31 -18.91
N TYR B 64 16.82 -1.34 -19.72
CA TYR B 64 16.05 -1.68 -20.92
C TYR B 64 16.41 -0.72 -22.03
N LEU B 65 16.32 -1.24 -23.24
CA LEU B 65 16.58 -0.51 -24.52
C LEU B 65 15.62 -1.00 -25.60
N LEU B 66 15.14 -0.08 -26.44
CA LEU B 66 14.42 -0.42 -27.66
C LEU B 66 15.29 -0.09 -28.88
N TYR B 67 15.51 -1.08 -29.73
CA TYR B 67 16.14 -0.91 -31.04
C TYR B 67 15.07 -1.04 -32.11
N TYR B 68 15.10 -0.16 -33.11
CA TYR B 68 14.04 -0.11 -34.08
C TYR B 68 14.43 0.42 -35.42
N THR B 69 13.68 0.00 -36.42
CA THR B 69 13.87 0.47 -37.80
C THR B 69 12.56 0.40 -38.57
N GLU B 70 12.38 1.35 -39.48
CA GLU B 70 11.26 1.30 -40.42
C GLU B 70 11.52 0.12 -41.37
N PHE B 71 10.45 -0.62 -41.68
CA PHE B 71 10.54 -1.73 -42.63
C PHE B 71 9.20 -2.00 -43.31
N THR B 72 9.24 -2.69 -44.44
CA THR B 72 8.03 -3.08 -45.12
C THR B 72 8.09 -4.59 -45.25
N PRO B 73 7.27 -5.34 -44.47
CA PRO B 73 7.32 -6.80 -44.51
C PRO B 73 6.89 -7.38 -45.88
N THR B 74 7.45 -8.52 -46.23
CA THR B 74 7.11 -9.23 -47.46
C THR B 74 6.93 -10.68 -47.05
N GLU B 75 6.51 -11.52 -47.99
CA GLU B 75 6.38 -12.96 -47.79
C GLU B 75 7.72 -13.64 -47.49
N LYS B 76 8.75 -13.30 -48.29
CA LYS B 76 10.02 -14.01 -48.25
C LYS B 76 11.00 -13.53 -47.19
N ASP B 77 10.93 -12.25 -46.78
CA ASP B 77 12.01 -11.71 -45.95
C ASP B 77 11.88 -12.16 -44.53
N GLU B 78 12.99 -12.64 -43.98
CA GLU B 78 13.06 -13.07 -42.60
C GLU B 78 13.80 -12.05 -41.77
N TYR B 79 13.21 -11.72 -40.64
CA TYR B 79 13.77 -10.76 -39.70
C TYR B 79 14.08 -11.40 -38.35
N ALA B 80 15.10 -10.86 -37.68
CA ALA B 80 15.54 -11.39 -36.37
C ALA B 80 16.23 -10.31 -35.59
N CYS B 81 16.48 -10.60 -34.32
CA CYS B 81 17.32 -9.73 -33.48
C CYS B 81 18.45 -10.56 -32.93
N ARG B 82 19.67 -10.03 -32.97
CA ARG B 82 20.86 -10.73 -32.47
C ARG B 82 21.38 -9.95 -31.28
N VAL B 83 21.58 -10.62 -30.14
CA VAL B 83 21.89 -9.93 -28.89
C VAL B 83 23.12 -10.61 -28.28
N ASN B 84 24.13 -9.83 -27.88
CA ASN B 84 25.23 -10.40 -27.09
C ASN B 84 25.37 -9.59 -25.80
N HIS B 85 25.79 -10.29 -24.74
CA HIS B 85 25.80 -9.77 -23.40
C HIS B 85 26.61 -10.75 -22.58
N VAL B 86 27.21 -10.29 -21.49
CA VAL B 86 28.10 -11.11 -20.69
C VAL B 86 27.40 -12.38 -20.18
N THR B 87 26.08 -12.30 -19.95
CA THR B 87 25.28 -13.46 -19.48
C THR B 87 25.04 -14.54 -20.54
N LEU B 88 25.36 -14.24 -21.80
CA LEU B 88 25.08 -15.13 -22.95
C LEU B 88 26.37 -15.74 -23.42
N SER B 89 26.43 -17.06 -23.44
CA SER B 89 27.70 -17.71 -23.74
C SER B 89 28.04 -17.61 -25.24
N GLN B 90 27.02 -17.44 -26.07
CA GLN B 90 27.21 -17.02 -27.48
C GLN B 90 26.07 -16.03 -27.80
N PRO B 91 26.19 -15.23 -28.89
CA PRO B 91 25.02 -14.43 -29.31
C PRO B 91 23.71 -15.23 -29.47
N LYS B 92 22.62 -14.59 -29.06
CA LYS B 92 21.32 -15.17 -29.12
C LYS B 92 20.56 -14.51 -30.25
N ILE B 93 19.97 -15.33 -31.12
CA ILE B 93 19.14 -14.85 -32.21
C ILE B 93 17.68 -15.20 -31.92
N VAL B 94 16.85 -14.18 -31.89
CA VAL B 94 15.42 -14.38 -31.79
C VAL B 94 14.78 -13.96 -33.11
N LYS B 95 14.09 -14.91 -33.75
CA LYS B 95 13.36 -14.65 -35.02
C LYS B 95 12.02 -13.92 -34.82
N TRP B 96 11.73 -12.99 -35.73
CA TRP B 96 10.41 -12.38 -35.79
C TRP B 96 9.38 -13.40 -36.27
N ASP B 97 8.33 -13.56 -35.46
CA ASP B 97 7.24 -14.47 -35.74
C ASP B 97 6.00 -13.62 -35.79
N ARG B 98 5.50 -13.37 -36.98
CA ARG B 98 4.35 -12.46 -37.15
C ARG B 98 3.00 -13.09 -36.82
N ASP B 99 2.97 -14.37 -36.46
CA ASP B 99 1.68 -15.08 -36.25
C ASP B 99 1.47 -15.41 -34.78
N MET B 100 2.06 -14.64 -33.88
CA MET B 100 1.82 -14.83 -32.44
C MET B 100 0.49 -14.23 -31.96
N LEU C 1 12.13 19.17 -14.02
CA LEU C 1 13.32 19.99 -13.56
C LEU C 1 14.20 19.24 -12.58
N LEU C 2 15.49 19.16 -12.92
CA LEU C 2 16.53 18.47 -12.11
C LEU C 2 16.76 19.15 -10.75
N TYR C 3 17.14 18.37 -9.75
CA TYR C 3 17.68 18.84 -8.47
C TYR C 3 19.00 19.59 -8.72
N GLY C 4 19.28 20.64 -7.97
CA GLY C 4 20.41 21.51 -8.32
C GLY C 4 21.59 21.47 -7.38
N PHE C 5 21.52 20.59 -6.38
CA PHE C 5 22.57 20.48 -5.40
C PHE C 5 23.32 19.19 -5.68
N VAL C 6 24.57 19.13 -5.24
CA VAL C 6 25.42 17.98 -5.53
C VAL C 6 25.66 17.28 -4.20
N ASN C 7 25.80 15.96 -4.22
CA ASN C 7 26.17 15.24 -3.02
C ASN C 7 27.03 14.04 -3.41
N TYR C 8 28.19 13.91 -2.78
CA TYR C 8 29.08 12.80 -3.10
C TYR C 8 28.83 11.61 -2.20
N ILE C 9 28.84 10.42 -2.81
CA ILE C 9 28.82 9.14 -2.07
C ILE C 9 30.02 9.03 -1.14
N GLY D 1 4.94 3.68 6.49
CA GLY D 1 4.54 2.24 6.35
C GLY D 1 3.20 2.05 5.65
N SER D 2 2.55 0.93 5.98
CA SER D 2 1.25 0.54 5.43
C SER D 2 0.11 1.35 6.08
N HIS D 3 -0.97 1.59 5.34
CA HIS D 3 -2.12 2.30 5.92
C HIS D 3 -3.45 1.70 5.53
N SER D 4 -4.48 1.95 6.34
CA SER D 4 -5.80 1.39 6.09
C SER D 4 -6.94 2.39 6.22
N MET D 5 -7.99 2.18 5.45
CA MET D 5 -9.26 2.86 5.72
C MET D 5 -10.28 1.82 5.99
N ARG D 6 -11.05 1.98 7.06
CA ARG D 6 -12.10 0.99 7.36
C ARG D 6 -13.38 1.64 7.79
N TYR D 7 -14.50 1.09 7.36
CA TYR D 7 -15.80 1.54 7.83
C TYR D 7 -16.44 0.36 8.56
N PHE D 8 -17.04 0.65 9.71
CA PHE D 8 -17.66 -0.35 10.58
C PHE D 8 -19.13 0.02 10.78
N PHE D 9 -20.04 -0.94 10.58
CA PHE D 9 -21.47 -0.66 10.71
C PHE D 9 -22.08 -1.67 11.66
N THR D 10 -22.92 -1.18 12.56
CA THR D 10 -23.64 -2.07 13.47
C THR D 10 -25.11 -1.74 13.43
N SER D 11 -25.95 -2.73 13.12
CA SER D 11 -27.40 -2.58 13.18
CA SER D 11 -27.41 -2.55 13.19
C SER D 11 -28.03 -3.56 14.17
N VAL D 12 -28.84 -3.05 15.09
CA VAL D 12 -29.40 -3.87 16.16
C VAL D 12 -30.92 -3.73 16.20
N SER D 13 -31.61 -4.82 16.03
CA SER D 13 -33.08 -4.78 16.10
C SER D 13 -33.53 -4.67 17.54
N ARG D 14 -34.67 -4.00 17.76
CA ARG D 14 -35.20 -3.82 19.09
C ARG D 14 -36.71 -3.87 19.04
N PRO D 15 -37.26 -5.07 18.92
CA PRO D 15 -38.72 -5.26 18.72
C PRO D 15 -39.59 -4.53 19.73
N GLY D 16 -40.34 -3.52 19.25
CA GLY D 16 -41.28 -2.79 20.10
C GLY D 16 -40.69 -1.54 20.74
N ARG D 17 -39.42 -1.29 20.46
CA ARG D 17 -38.70 -0.17 21.02
C ARG D 17 -38.12 0.67 19.89
N GLY D 18 -38.78 0.60 18.74
CA GLY D 18 -38.40 1.42 17.61
C GLY D 18 -37.74 0.70 16.46
N GLU D 19 -37.39 1.47 15.45
CA GLU D 19 -36.62 0.95 14.33
C GLU D 19 -35.21 0.56 14.79
N PRO D 20 -34.51 -0.29 14.02
CA PRO D 20 -33.20 -0.73 14.49
C PRO D 20 -32.21 0.40 14.73
N ARG D 21 -31.37 0.24 15.76
CA ARG D 21 -30.31 1.19 16.05
C ARG D 21 -29.23 0.95 15.01
N PHE D 22 -28.79 2.00 14.34
CA PHE D 22 -27.69 1.92 13.40
C PHE D 22 -26.56 2.88 13.79
N ILE D 23 -25.36 2.33 13.84
CA ILE D 23 -24.14 3.13 14.13
C ILE D 23 -23.08 2.83 13.11
N ALA D 24 -22.53 3.88 12.49
CA ALA D 24 -21.48 3.74 11.46
C ALA D 24 -20.34 4.55 11.94
N VAL D 25 -19.14 3.98 11.84
CA VAL D 25 -17.91 4.76 12.17
C VAL D 25 -16.88 4.50 11.10
N GLY D 26 -16.08 5.51 10.79
CA GLY D 26 -14.99 5.33 9.85
C GLY D 26 -13.64 5.64 10.46
N TYR D 27 -12.63 4.84 10.09
CA TYR D 27 -11.25 5.00 10.59
C TYR D 27 -10.25 5.09 9.48
N VAL D 28 -9.18 5.87 9.71
CA VAL D 28 -7.94 5.71 8.96
C VAL D 28 -6.91 5.22 9.98
N ASP D 29 -6.38 4.02 9.71
CA ASP D 29 -5.49 3.33 10.65
C ASP D 29 -6.23 3.23 12.02
N ASP D 30 -5.62 3.75 13.09
CA ASP D 30 -6.30 3.75 14.42
C ASP D 30 -6.93 5.07 14.81
N THR D 31 -7.24 5.90 13.81
CA THR D 31 -7.80 7.21 14.09
C THR D 31 -9.21 7.33 13.51
N GLN D 32 -10.22 7.51 14.37
CA GLN D 32 -11.61 7.68 13.92
C GLN D 32 -11.76 9.04 13.22
N PHE D 33 -12.51 9.07 12.13
CA PHE D 33 -12.74 10.38 11.46
C PHE D 33 -14.20 10.77 11.21
N VAL D 34 -15.11 9.80 11.20
CA VAL D 34 -16.54 10.09 11.00
C VAL D 34 -17.42 9.18 11.85
N ARG D 35 -18.65 9.62 12.09
CA ARG D 35 -19.69 8.79 12.71
C ARG D 35 -21.06 9.17 12.23
N PHE D 36 -21.98 8.20 12.32
CA PHE D 36 -23.38 8.38 12.16
C PHE D 36 -24.09 7.51 13.22
N ASP D 37 -25.08 8.10 13.90
CA ASP D 37 -25.88 7.34 14.87
C ASP D 37 -27.33 7.64 14.56
N SER D 38 -28.10 6.61 14.18
CA SER D 38 -29.56 6.73 13.90
C SER D 38 -30.42 7.34 15.03
N ASP D 39 -29.97 7.23 16.27
CA ASP D 39 -30.72 7.84 17.36
C ASP D 39 -30.30 9.27 17.69
N ALA D 40 -29.24 9.79 17.07
CA ALA D 40 -28.79 11.14 17.41
C ALA D 40 -29.63 12.21 16.71
N ALA D 41 -29.55 13.43 17.25
CA ALA D 41 -30.34 14.58 16.82
C ALA D 41 -30.14 14.95 15.36
N SER D 42 -28.88 15.02 14.95
CA SER D 42 -28.52 15.65 13.68
C SER D 42 -29.00 14.94 12.43
N GLN D 43 -29.03 13.60 12.49
CA GLN D 43 -29.27 12.77 11.31
C GLN D 43 -28.27 13.07 10.16
N ARG D 44 -27.02 13.38 10.52
CA ARG D 44 -25.97 13.73 9.57
C ARG D 44 -24.81 12.83 9.86
N MET D 45 -24.02 12.50 8.82
CA MET D 45 -22.65 12.06 9.03
C MET D 45 -21.89 13.23 9.65
N GLU D 46 -21.13 12.95 10.70
CA GLU D 46 -20.48 14.00 11.49
C GLU D 46 -18.98 13.80 11.56
N PRO D 47 -18.21 14.91 11.55
CA PRO D 47 -16.76 14.80 11.69
C PRO D 47 -16.33 14.37 13.09
N ARG D 48 -15.28 13.55 13.15
CA ARG D 48 -14.66 13.12 14.41
C ARG D 48 -13.12 13.24 14.43
N ALA D 49 -12.60 13.91 13.41
CA ALA D 49 -11.16 14.19 13.34
C ALA D 49 -11.05 15.62 12.86
N PRO D 50 -10.05 16.36 13.35
CA PRO D 50 -9.94 17.75 12.84
C PRO D 50 -9.70 17.89 11.34
N TRP D 51 -8.99 16.93 10.75
CA TRP D 51 -8.61 17.01 9.35
C TRP D 51 -9.71 16.67 8.34
N ILE D 52 -10.83 16.12 8.81
CA ILE D 52 -11.93 15.83 7.92
C ILE D 52 -12.84 17.06 7.84
N GLU D 53 -12.70 18.00 8.79
CA GLU D 53 -13.67 19.11 8.89
C GLU D 53 -13.65 20.01 7.67
N GLN D 54 -12.52 20.03 6.99
CA GLN D 54 -12.32 20.82 5.78
C GLN D 54 -13.03 20.34 4.51
N GLU D 55 -13.54 19.11 4.52
CA GLU D 55 -14.40 18.64 3.44
C GLU D 55 -15.64 19.53 3.30
N GLY D 56 -16.01 19.76 2.05
CA GLY D 56 -17.01 20.72 1.66
C GLY D 56 -18.41 20.18 1.86
N PRO D 57 -19.42 21.01 1.60
CA PRO D 57 -20.82 20.58 1.82
C PRO D 57 -21.29 19.41 0.98
N GLU D 58 -20.72 19.23 -0.22
CA GLU D 58 -21.08 18.11 -1.09
C GLU D 58 -20.63 16.80 -0.43
N TYR D 59 -19.49 16.85 0.25
CA TYR D 59 -18.97 15.68 0.95
C TYR D 59 -19.96 15.32 2.03
N TRP D 60 -20.29 16.26 2.92
CA TRP D 60 -21.18 15.97 4.04
C TRP D 60 -22.58 15.51 3.60
N ASP D 61 -23.17 16.18 2.59
CA ASP D 61 -24.47 15.81 2.07
C ASP D 61 -24.46 14.41 1.46
N GLY D 62 -23.42 14.13 0.67
CA GLY D 62 -23.23 12.85 0.00
C GLY D 62 -23.01 11.71 0.99
N GLU D 63 -22.13 11.94 1.97
CA GLU D 63 -21.88 10.90 3.00
C GLU D 63 -23.12 10.65 3.86
N THR D 64 -23.89 11.67 4.17
CA THR D 64 -25.15 11.50 4.90
C THR D 64 -26.13 10.66 4.07
N ARG D 65 -26.28 10.99 2.78
CA ARG D 65 -27.18 10.22 1.87
C ARG D 65 -26.77 8.75 1.82
N LYS D 66 -25.47 8.48 1.59
CA LYS D 66 -24.99 7.12 1.50
C LYS D 66 -25.09 6.37 2.80
N VAL D 67 -24.83 7.05 3.92
CA VAL D 67 -24.86 6.31 5.20
C VAL D 67 -26.29 5.95 5.61
N LYS D 68 -27.25 6.81 5.24
CA LYS D 68 -28.67 6.52 5.45
C LYS D 68 -29.13 5.38 4.58
N ALA D 69 -28.58 5.30 3.36
CA ALA D 69 -28.84 4.17 2.43
C ALA D 69 -28.34 2.87 3.04
N HIS D 70 -27.15 2.87 3.62
CA HIS D 70 -26.59 1.70 4.34
C HIS D 70 -27.56 1.32 5.48
N SER D 71 -28.04 2.33 6.22
CA SER D 71 -28.92 2.11 7.38
C SER D 71 -30.18 1.41 6.93
N GLN D 72 -30.80 1.94 5.87
CA GLN D 72 -32.02 1.31 5.31
CA GLN D 72 -32.00 1.33 5.25
C GLN D 72 -31.75 -0.12 4.82
N THR D 73 -30.64 -0.35 4.14
CA THR D 73 -30.30 -1.73 3.68
C THR D 73 -30.23 -2.71 4.88
N HIS D 74 -29.59 -2.27 5.96
CA HIS D 74 -29.46 -3.15 7.14
C HIS D 74 -30.77 -3.38 7.87
N ARG D 75 -31.64 -2.39 7.86
CA ARG D 75 -32.99 -2.60 8.34
C ARG D 75 -33.70 -3.74 7.61
N VAL D 76 -33.66 -3.73 6.28
CA VAL D 76 -34.24 -4.82 5.49
C VAL D 76 -33.52 -6.13 5.79
N ASP D 77 -32.17 -6.08 5.83
CA ASP D 77 -31.35 -7.28 6.12
C ASP D 77 -31.77 -7.99 7.42
N LEU D 78 -32.03 -7.23 8.49
CA LEU D 78 -32.51 -7.83 9.75
C LEU D 78 -33.81 -8.67 9.57
N GLY D 79 -34.74 -8.18 8.77
CA GLY D 79 -35.96 -8.94 8.47
C GLY D 79 -35.62 -10.15 7.59
N THR D 80 -34.72 -9.96 6.63
CA THR D 80 -34.32 -11.05 5.70
C THR D 80 -33.69 -12.19 6.49
N LEU D 81 -32.82 -11.83 7.43
CA LEU D 81 -32.09 -12.82 8.19
C LEU D 81 -32.98 -13.57 9.19
N ARG D 82 -33.99 -12.89 9.77
CA ARG D 82 -34.96 -13.56 10.59
CA ARG D 82 -35.01 -13.57 10.57
C ARG D 82 -35.70 -14.66 9.74
N GLY D 83 -35.97 -14.37 8.46
CA GLY D 83 -36.58 -15.35 7.55
C GLY D 83 -35.65 -16.50 7.26
N TYR D 84 -34.41 -16.17 6.99
CA TYR D 84 -33.43 -17.24 6.65
C TYR D 84 -33.24 -18.22 7.82
N TYR D 85 -33.27 -17.67 9.04
CA TYR D 85 -33.03 -18.48 10.23
C TYR D 85 -34.29 -18.91 11.00
N ASN D 86 -35.47 -18.57 10.45
CA ASN D 86 -36.78 -18.90 11.09
CA ASN D 86 -36.76 -18.91 11.08
C ASN D 86 -36.81 -18.39 12.53
N GLN D 87 -36.40 -17.15 12.72
CA GLN D 87 -36.37 -16.60 14.08
C GLN D 87 -37.59 -15.76 14.37
N SER D 88 -37.92 -15.64 15.65
CA SER D 88 -39.12 -14.89 16.04
C SER D 88 -38.94 -13.37 15.99
N GLU D 89 -40.07 -12.69 15.89
CA GLU D 89 -40.20 -11.23 15.87
C GLU D 89 -39.67 -10.60 17.15
N ALA D 90 -39.78 -11.32 18.26
CA ALA D 90 -39.60 -10.74 19.61
C ALA D 90 -38.15 -10.54 20.07
N GLY D 91 -37.23 -11.32 19.50
CA GLY D 91 -35.82 -11.21 19.84
C GLY D 91 -35.00 -10.13 19.15
N SER D 92 -34.02 -9.60 19.85
CA SER D 92 -33.09 -8.62 19.27
C SER D 92 -31.91 -9.34 18.58
N HIS D 93 -31.54 -8.92 17.37
CA HIS D 93 -30.44 -9.49 16.63
C HIS D 93 -29.55 -8.38 16.10
N THR D 94 -28.34 -8.78 15.73
CA THR D 94 -27.26 -7.86 15.32
C THR D 94 -26.69 -8.17 13.96
N VAL D 95 -26.66 -7.18 13.06
CA VAL D 95 -25.86 -7.29 11.82
CA VAL D 95 -25.89 -7.27 11.80
C VAL D 95 -24.66 -6.36 11.93
N GLN D 96 -23.52 -6.88 11.56
CA GLN D 96 -22.26 -6.08 11.47
C GLN D 96 -21.68 -6.19 10.09
N ARG D 97 -21.15 -5.09 9.59
CA ARG D 97 -20.46 -5.05 8.28
C ARG D 97 -19.19 -4.24 8.43
N MET D 98 -18.12 -4.72 7.81
CA MET D 98 -16.85 -3.97 7.78
C MET D 98 -16.35 -4.01 6.37
N TYR D 99 -15.92 -2.87 5.87
CA TYR D 99 -15.24 -2.88 4.59
C TYR D 99 -14.13 -1.83 4.55
N GLY D 100 -13.21 -2.01 3.62
CA GLY D 100 -12.11 -1.09 3.45
C GLY D 100 -10.93 -1.61 2.69
N CYS D 101 -9.85 -0.84 2.70
CA CYS D 101 -8.69 -1.10 1.87
C CYS D 101 -7.46 -0.78 2.64
N ASP D 102 -6.40 -1.54 2.33
CA ASP D 102 -5.01 -1.26 2.68
C ASP D 102 -4.20 -0.78 1.49
N VAL D 103 -3.34 0.19 1.77
CA VAL D 103 -2.25 0.57 0.88
C VAL D 103 -0.88 0.30 1.52
N GLY D 104 0.10 0.04 0.68
CA GLY D 104 1.46 -0.20 1.14
C GLY D 104 2.27 1.08 1.09
N SER D 105 3.58 0.91 1.18
CA SER D 105 4.51 2.04 1.26
C SER D 105 4.69 2.79 -0.07
N ASP D 106 4.21 2.18 -1.16
CA ASP D 106 4.20 2.86 -2.45
C ASP D 106 2.91 3.68 -2.68
N TRP D 107 2.05 3.71 -1.65
CA TRP D 107 0.71 4.36 -1.64
C TRP D 107 -0.29 3.75 -2.63
N ARG D 108 -0.06 2.50 -2.99
CA ARG D 108 -0.91 1.80 -3.94
C ARG D 108 -1.60 0.65 -3.25
N PHE D 109 -2.69 0.22 -3.86
CA PHE D 109 -3.52 -0.85 -3.32
C PHE D 109 -2.74 -2.11 -2.93
N LEU D 110 -2.98 -2.55 -1.70
CA LEU D 110 -2.45 -3.80 -1.19
C LEU D 110 -3.52 -4.88 -1.07
N ARG D 111 -4.60 -4.53 -0.37
CA ARG D 111 -5.68 -5.47 -0.17
C ARG D 111 -7.02 -4.83 0.18
N GLY D 112 -8.11 -5.55 -0.11
CA GLY D 112 -9.43 -5.04 0.18
C GLY D 112 -10.21 -6.05 0.98
N TYR D 113 -11.22 -5.55 1.70
CA TYR D 113 -12.08 -6.34 2.62
C TYR D 113 -13.52 -5.91 2.52
N HIS D 114 -14.45 -6.86 2.69
CA HIS D 114 -15.87 -6.54 2.79
C HIS D 114 -16.51 -7.79 3.40
N GLN D 115 -16.94 -7.70 4.65
CA GLN D 115 -17.49 -8.86 5.36
C GLN D 115 -18.59 -8.51 6.33
N TYR D 116 -19.41 -9.50 6.69
CA TYR D 116 -20.55 -9.32 7.53
C TYR D 116 -20.58 -10.41 8.56
N ALA D 117 -21.22 -10.07 9.70
CA ALA D 117 -21.51 -11.01 10.79
C ALA D 117 -22.97 -10.86 11.15
N TYR D 118 -23.55 -11.98 11.55
CA TYR D 118 -24.91 -11.97 12.10
C TYR D 118 -24.83 -12.60 13.46
N ASP D 119 -25.33 -11.88 14.47
CA ASP D 119 -25.27 -12.33 15.88
C ASP D 119 -23.85 -12.75 16.35
N GLY D 120 -22.88 -11.95 15.92
CA GLY D 120 -21.50 -12.13 16.35
C GLY D 120 -20.68 -13.20 15.65
N LYS D 121 -21.30 -13.91 14.71
CA LYS D 121 -20.63 -14.99 13.97
C LYS D 121 -20.43 -14.56 12.51
N ASP D 122 -19.30 -14.97 11.91
CA ASP D 122 -19.06 -14.72 10.45
C ASP D 122 -20.25 -15.16 9.64
N TYR D 123 -20.64 -14.33 8.68
CA TYR D 123 -21.80 -14.62 7.86
C TYR D 123 -21.30 -14.78 6.40
N ILE D 124 -20.83 -13.70 5.78
CA ILE D 124 -20.28 -13.79 4.42
C ILE D 124 -19.12 -12.82 4.33
N ALA D 125 -18.09 -13.21 3.58
CA ALA D 125 -16.88 -12.39 3.44
C ALA D 125 -16.39 -12.47 2.01
N LEU D 126 -16.04 -11.32 1.44
CA LEU D 126 -15.29 -11.30 0.18
C LEU D 126 -13.88 -11.80 0.41
N LYS D 127 -13.48 -12.77 -0.42
CA LYS D 127 -12.13 -13.32 -0.36
C LYS D 127 -11.14 -12.29 -0.92
N GLU D 128 -9.85 -12.54 -0.66
CA GLU D 128 -8.73 -11.66 -0.96
C GLU D 128 -8.62 -11.39 -2.47
N ASP D 129 -9.02 -12.38 -3.27
CA ASP D 129 -9.05 -12.22 -4.74
C ASP D 129 -10.07 -11.19 -5.29
N LEU D 130 -11.00 -10.79 -4.40
CA LEU D 130 -12.09 -9.80 -4.62
C LEU D 130 -13.09 -10.26 -5.70
N ARG D 131 -13.21 -11.57 -5.87
CA ARG D 131 -14.14 -12.07 -6.89
C ARG D 131 -14.89 -13.30 -6.41
N SER D 132 -14.62 -13.74 -5.20
CA SER D 132 -15.34 -14.92 -4.63
C SER D 132 -15.71 -14.68 -3.19
N TRP D 133 -16.64 -15.48 -2.69
CA TRP D 133 -17.23 -15.31 -1.35
C TRP D 133 -16.99 -16.54 -0.43
N THR D 134 -16.78 -16.26 0.85
CA THR D 134 -16.74 -17.31 1.89
C THR D 134 -18.06 -17.17 2.61
N ALA D 135 -18.92 -18.18 2.52
CA ALA D 135 -20.26 -18.15 3.13
C ALA D 135 -20.22 -19.18 4.22
N ALA D 136 -20.48 -18.76 5.44
CA ALA D 136 -20.09 -19.57 6.59
C ALA D 136 -21.14 -20.62 6.97
N ASP D 137 -22.37 -20.50 6.45
CA ASP D 137 -23.48 -21.43 6.69
C ASP D 137 -24.48 -21.54 5.49
N MET D 138 -25.59 -22.29 5.64
CA MET D 138 -26.48 -22.43 4.49
C MET D 138 -27.24 -21.15 4.15
N ALA D 139 -27.56 -20.39 5.18
CA ALA D 139 -28.25 -19.12 4.91
C ALA D 139 -27.35 -18.16 4.14
N ALA D 140 -26.08 -18.15 4.48
CA ALA D 140 -25.15 -17.29 3.74
C ALA D 140 -24.88 -17.72 2.33
N GLN D 141 -25.10 -19.02 2.04
CA GLN D 141 -25.04 -19.50 0.67
C GLN D 141 -26.18 -18.88 -0.16
N THR D 142 -27.38 -18.69 0.44
CA THR D 142 -28.46 -17.99 -0.26
C THR D 142 -28.04 -16.58 -0.69
N THR D 143 -27.43 -15.86 0.26
CA THR D 143 -26.89 -14.55 -0.02
C THR D 143 -25.85 -14.62 -1.11
N LYS D 144 -24.91 -15.57 -0.97
CA LYS D 144 -23.90 -15.79 -2.03
C LYS D 144 -24.52 -15.97 -3.40
N HIS D 145 -25.60 -16.77 -3.55
CA HIS D 145 -26.17 -16.99 -4.88
C HIS D 145 -26.73 -15.69 -5.46
N LYS D 146 -27.40 -14.93 -4.59
CA LYS D 146 -27.99 -13.64 -5.01
C LYS D 146 -26.89 -12.64 -5.38
N TRP D 147 -25.81 -12.62 -4.61
CA TRP D 147 -24.72 -11.65 -4.90
C TRP D 147 -23.89 -12.06 -6.13
N GLU D 148 -23.85 -13.36 -6.41
CA GLU D 148 -23.14 -13.80 -7.61
C GLU D 148 -23.95 -13.45 -8.83
N ALA D 149 -25.28 -13.69 -8.78
CA ALA D 149 -26.18 -13.32 -9.87
C ALA D 149 -26.26 -11.80 -10.15
N ALA D 150 -26.10 -11.00 -9.10
CA ALA D 150 -26.17 -9.54 -9.20
C ALA D 150 -24.80 -8.87 -9.43
N HIS D 151 -23.74 -9.68 -9.55
CA HIS D 151 -22.37 -9.16 -9.76
C HIS D 151 -21.86 -8.17 -8.71
N VAL D 152 -22.20 -8.45 -7.44
CA VAL D 152 -21.84 -7.58 -6.29
C VAL D 152 -20.30 -7.50 -6.15
N ALA D 153 -19.60 -8.63 -6.28
CA ALA D 153 -18.13 -8.64 -6.07
C ALA D 153 -17.44 -7.66 -6.99
N GLU D 154 -17.85 -7.68 -8.27
CA GLU D 154 -17.29 -6.79 -9.30
C GLU D 154 -17.45 -5.31 -8.93
N GLN D 155 -18.65 -4.97 -8.47
CA GLN D 155 -18.97 -3.62 -7.99
CA GLN D 155 -18.92 -3.59 -8.04
C GLN D 155 -18.08 -3.21 -6.82
N LEU D 156 -17.95 -4.11 -5.84
CA LEU D 156 -17.09 -3.86 -4.67
C LEU D 156 -15.61 -3.76 -5.02
N ARG D 157 -15.13 -4.63 -5.92
CA ARG D 157 -13.73 -4.60 -6.32
C ARG D 157 -13.36 -3.28 -6.94
N ALA D 158 -14.25 -2.70 -7.73
CA ALA D 158 -13.96 -1.40 -8.35
C ALA D 158 -13.84 -0.29 -7.26
N TYR D 159 -14.66 -0.39 -6.22
CA TYR D 159 -14.58 0.57 -5.14
C TYR D 159 -13.31 0.40 -4.32
N LEU D 160 -13.02 -0.84 -3.97
CA LEU D 160 -11.93 -1.16 -3.04
C LEU D 160 -10.57 -0.87 -3.65
N GLU D 161 -10.42 -1.10 -4.96
CA GLU D 161 -9.16 -0.86 -5.63
C GLU D 161 -9.04 0.54 -6.16
N GLY D 162 -10.18 1.26 -6.19
CA GLY D 162 -10.22 2.57 -6.83
C GLY D 162 -10.51 3.67 -5.83
N THR D 163 -11.78 4.05 -5.71
CA THR D 163 -12.27 5.12 -4.83
C THR D 163 -11.73 5.07 -3.38
N CYS D 164 -11.72 3.87 -2.81
CA CYS D 164 -11.27 3.64 -1.43
C CYS D 164 -9.80 4.09 -1.30
N VAL D 165 -8.97 3.59 -2.20
CA VAL D 165 -7.54 3.98 -2.24
C VAL D 165 -7.37 5.49 -2.49
N GLU D 166 -8.16 6.03 -3.41
CA GLU D 166 -8.02 7.45 -3.78
C GLU D 166 -8.32 8.36 -2.57
N TRP D 167 -9.38 8.02 -1.85
CA TRP D 167 -9.80 8.83 -0.71
C TRP D 167 -8.92 8.57 0.54
N LEU D 168 -8.44 7.33 0.71
CA LEU D 168 -7.42 7.05 1.73
C LEU D 168 -6.16 7.92 1.57
N ARG D 169 -5.67 8.03 0.33
CA ARG D 169 -4.52 8.87 0.03
C ARG D 169 -4.77 10.34 0.35
N ARG D 170 -5.96 10.81 0.01
CA ARG D 170 -6.39 12.17 0.36
C ARG D 170 -6.46 12.44 1.85
N TYR D 171 -7.04 11.52 2.60
CA TYR D 171 -7.12 11.70 4.06
C TYR D 171 -5.71 11.70 4.72
N LEU D 172 -4.85 10.79 4.26
CA LEU D 172 -3.45 10.73 4.72
C LEU D 172 -2.64 12.00 4.45
N GLU D 173 -2.94 12.66 3.32
CA GLU D 173 -2.35 13.95 2.97
C GLU D 173 -2.89 15.08 3.88
N ASN D 174 -4.20 15.22 3.95
CA ASN D 174 -4.87 16.25 4.77
C ASN D 174 -4.63 16.13 6.26
N GLY D 175 -4.50 14.90 6.74
CA GLY D 175 -4.23 14.65 8.13
C GLY D 175 -2.83 14.13 8.37
N LYS D 176 -1.88 14.56 7.55
CA LYS D 176 -0.48 14.07 7.64
C LYS D 176 0.15 14.13 9.03
N GLU D 177 -0.04 15.23 9.74
CA GLU D 177 0.50 15.44 11.10
C GLU D 177 0.02 14.39 12.12
N THR D 178 -1.26 14.03 12.04
CA THR D 178 -1.90 13.01 12.90
C THR D 178 -1.66 11.60 12.40
N LEU D 179 -1.85 11.43 11.10
CA LEU D 179 -1.86 10.11 10.52
C LEU D 179 -0.52 9.55 10.12
N GLN D 180 0.38 10.40 9.58
CA GLN D 180 1.71 9.92 9.18
C GLN D 180 2.67 10.21 10.33
N ARG D 181 2.45 9.50 11.41
CA ARG D 181 3.24 9.71 12.59
C ARG D 181 3.43 8.38 13.27
N THR D 182 4.52 8.32 14.01
CA THR D 182 4.75 7.19 14.86
C THR D 182 5.18 7.73 16.22
N ASP D 183 4.49 7.27 17.27
CA ASP D 183 4.86 7.63 18.62
C ASP D 183 5.35 6.34 19.27
N ALA D 184 6.65 6.27 19.54
CA ALA D 184 7.26 5.10 20.18
C ALA D 184 6.78 5.01 21.61
N PRO D 185 6.58 3.79 22.12
CA PRO D 185 6.12 3.66 23.51
C PRO D 185 7.16 4.10 24.55
N LYS D 186 6.66 4.71 25.63
CA LYS D 186 7.47 4.99 26.80
C LYS D 186 7.26 3.81 27.73
N THR D 187 8.34 3.12 28.00
CA THR D 187 8.27 1.82 28.69
C THR D 187 8.86 1.84 30.08
N HIS D 188 8.33 0.98 30.97
CA HIS D 188 8.91 0.76 32.29
C HIS D 188 8.28 -0.50 32.87
N MET D 189 8.82 -0.98 33.97
CA MET D 189 8.19 -2.12 34.64
C MET D 189 7.90 -1.72 36.08
N THR D 190 6.84 -2.26 36.65
CA THR D 190 6.56 -2.01 38.06
C THR D 190 6.68 -3.34 38.82
N HIS D 191 6.95 -3.23 40.10
CA HIS D 191 7.11 -4.42 40.99
C HIS D 191 6.27 -4.22 42.24
N HIS D 192 5.37 -5.18 42.55
CA HIS D 192 4.60 -5.10 43.80
C HIS D 192 4.47 -6.48 44.44
N ALA D 193 4.77 -6.55 45.72
CA ALA D 193 4.65 -7.81 46.44
C ALA D 193 3.16 -8.16 46.52
N VAL D 194 2.82 -9.42 46.29
CA VAL D 194 1.45 -9.86 46.61
C VAL D 194 1.35 -10.66 47.90
N SER D 195 2.50 -11.14 48.37
CA SER D 195 2.65 -11.85 49.63
C SER D 195 4.11 -11.72 50.04
N ASP D 196 4.52 -12.41 51.12
CA ASP D 196 5.93 -12.39 51.52
C ASP D 196 6.84 -13.24 50.60
N HIS D 197 6.21 -13.96 49.68
CA HIS D 197 6.92 -14.87 48.78
C HIS D 197 6.63 -14.71 47.29
N GLU D 198 5.73 -13.79 46.90
CA GLU D 198 5.45 -13.60 45.45
C GLU D 198 5.34 -12.14 45.09
N ALA D 199 5.61 -11.79 43.84
CA ALA D 199 5.52 -10.40 43.36
C ALA D 199 4.92 -10.31 42.00
N THR D 200 4.16 -9.25 41.75
CA THR D 200 3.67 -8.99 40.40
C THR D 200 4.70 -8.12 39.68
N LEU D 201 5.12 -8.60 38.52
CA LEU D 201 5.99 -7.79 37.62
C LEU D 201 5.07 -7.34 36.47
N ARG D 202 4.93 -6.03 36.29
CA ARG D 202 4.04 -5.55 35.20
C ARG D 202 4.86 -4.70 34.24
N CYS D 203 4.86 -5.08 32.95
CA CYS D 203 5.60 -4.37 31.90
C CYS D 203 4.64 -3.43 31.19
N TRP D 204 4.95 -2.14 31.20
CA TRP D 204 4.10 -1.08 30.65
C TRP D 204 4.60 -0.47 29.37
N ALA D 205 3.66 -0.21 28.47
CA ALA D 205 3.93 0.62 27.28
C ALA D 205 2.89 1.71 27.25
N LEU D 206 3.35 2.97 27.19
CA LEU D 206 2.45 4.14 27.21
C LEU D 206 2.73 5.08 26.10
N SER D 207 1.69 5.83 25.75
CA SER D 207 1.81 7.00 24.86
CA SER D 207 1.78 6.98 24.86
C SER D 207 2.23 6.63 23.44
N PHE D 208 1.82 5.45 22.96
CA PHE D 208 2.25 4.98 21.64
C PHE D 208 1.20 5.06 20.55
N TYR D 209 1.66 5.20 19.32
CA TYR D 209 0.80 5.20 18.13
C TYR D 209 1.65 4.69 16.92
N PRO D 210 1.11 3.80 16.04
CA PRO D 210 -0.23 3.18 16.08
C PRO D 210 -0.37 2.14 17.18
N ALA D 211 -1.55 1.52 17.20
CA ALA D 211 -1.94 0.65 18.31
C ALA D 211 -1.22 -0.68 18.32
N GLU D 212 -0.80 -1.15 17.15
CA GLU D 212 -0.08 -2.45 17.03
C GLU D 212 1.16 -2.49 17.90
N ILE D 213 1.21 -3.46 18.82
CA ILE D 213 2.35 -3.56 19.74
C ILE D 213 2.46 -5.03 20.21
N THR D 214 3.65 -5.46 20.55
CA THR D 214 3.84 -6.78 21.17
C THR D 214 4.64 -6.62 22.48
N LEU D 215 4.11 -7.19 23.56
CA LEU D 215 4.75 -7.19 24.87
C LEU D 215 4.86 -8.63 25.27
N THR D 216 6.06 -9.06 25.60
CA THR D 216 6.26 -10.46 25.99
C THR D 216 7.18 -10.58 27.19
N TRP D 217 6.86 -11.48 28.11
CA TRP D 217 7.81 -11.81 29.18
C TRP D 217 8.68 -13.02 28.89
N GLN D 218 9.96 -12.95 29.22
CA GLN D 218 10.80 -14.19 29.16
C GLN D 218 11.29 -14.52 30.55
N ARG D 219 11.47 -15.83 30.84
CA ARG D 219 12.14 -16.26 32.08
C ARG D 219 13.38 -16.96 31.63
N ASP D 220 14.57 -16.44 31.96
CA ASP D 220 15.81 -16.99 31.35
C ASP D 220 15.75 -17.14 29.85
N GLY D 221 15.18 -16.19 29.14
CA GLY D 221 15.06 -16.41 27.69
C GLY D 221 13.93 -17.31 27.17
N GLU D 222 13.11 -17.89 28.06
CA GLU D 222 11.99 -18.70 27.58
C GLU D 222 10.69 -17.88 27.68
N ASP D 223 9.94 -17.80 26.59
CA ASP D 223 8.66 -17.08 26.56
C ASP D 223 7.66 -17.61 27.61
N GLN D 224 7.05 -16.69 28.35
CA GLN D 224 6.12 -17.07 29.40
C GLN D 224 4.65 -16.85 29.05
N THR D 225 4.24 -17.27 27.86
CA THR D 225 2.99 -16.72 27.28
C THR D 225 1.75 -17.20 28.04
N GLN D 226 1.76 -18.48 28.44
CA GLN D 226 0.67 -19.07 29.24
C GLN D 226 0.56 -18.53 30.68
N ASP D 227 1.65 -17.97 31.22
CA ASP D 227 1.61 -17.40 32.56
C ASP D 227 1.45 -15.87 32.57
N THR D 228 1.36 -15.27 31.39
CA THR D 228 1.29 -13.83 31.28
C THR D 228 -0.16 -13.33 31.18
N GLU D 229 -0.50 -12.29 31.98
CA GLU D 229 -1.79 -11.66 31.84
C GLU D 229 -1.54 -10.46 30.91
N LEU D 230 -2.19 -10.46 29.78
CA LEU D 230 -1.97 -9.41 28.78
C LEU D 230 -3.27 -8.69 28.59
N VAL D 231 -3.33 -7.38 28.90
CA VAL D 231 -4.59 -6.70 28.71
C VAL D 231 -4.76 -6.26 27.29
N GLU D 232 -6.01 -6.05 26.89
CA GLU D 232 -6.29 -5.48 25.57
C GLU D 232 -5.67 -4.09 25.42
N THR D 233 -5.04 -3.80 24.27
CA THR D 233 -4.52 -2.43 24.02
C THR D 233 -5.67 -1.43 24.11
N ARG D 234 -5.45 -0.35 24.86
CA ARG D 234 -6.53 0.54 25.20
C ARG D 234 -6.19 1.98 24.84
N PRO D 235 -7.21 2.78 24.49
CA PRO D 235 -6.98 4.20 24.13
C PRO D 235 -6.71 5.05 25.36
N ALA D 236 -5.73 5.95 25.28
CA ALA D 236 -5.55 6.91 26.39
C ALA D 236 -6.59 8.03 26.34
N GLY D 237 -7.07 8.30 25.13
CA GLY D 237 -8.12 9.30 24.92
C GLY D 237 -7.62 10.51 24.16
N ASP D 238 -6.30 10.57 23.99
CA ASP D 238 -5.57 11.67 23.31
C ASP D 238 -4.96 11.30 21.95
N GLY D 239 -5.39 10.15 21.42
CA GLY D 239 -4.83 9.67 20.16
C GLY D 239 -3.68 8.69 20.32
N THR D 240 -3.34 8.36 21.56
CA THR D 240 -2.28 7.33 21.80
C THR D 240 -2.86 6.17 22.55
N PHE D 241 -2.06 5.11 22.63
CA PHE D 241 -2.50 3.85 23.22
C PHE D 241 -1.63 3.45 24.40
N GLN D 242 -2.16 2.50 25.20
CA GLN D 242 -1.46 1.94 26.39
C GLN D 242 -1.65 0.43 26.38
N LYS D 243 -0.72 -0.28 26.98
CA LYS D 243 -0.89 -1.72 27.15
C LYS D 243 0.05 -2.18 28.23
N TRP D 244 -0.34 -3.24 28.94
CA TRP D 244 0.57 -3.86 29.88
C TRP D 244 0.48 -5.37 29.86
N ALA D 245 1.53 -6.00 30.37
CA ALA D 245 1.62 -7.48 30.52
C ALA D 245 2.18 -7.80 31.88
N ALA D 246 1.59 -8.77 32.59
CA ALA D 246 1.98 -8.99 34.03
C ALA D 246 2.23 -10.45 34.25
N VAL D 247 3.27 -10.75 35.02
CA VAL D 247 3.51 -12.12 35.54
C VAL D 247 3.60 -12.07 37.05
N VAL D 248 3.21 -13.15 37.72
CA VAL D 248 3.39 -13.27 39.18
C VAL D 248 4.53 -14.27 39.37
N VAL D 249 5.55 -13.85 40.09
CA VAL D 249 6.81 -14.60 40.16
C VAL D 249 7.23 -14.82 41.61
N PRO D 250 8.00 -15.87 41.89
CA PRO D 250 8.49 -15.94 43.26
C PRO D 250 9.50 -14.84 43.59
N SER D 251 9.37 -14.24 44.78
CA SER D 251 10.29 -13.22 45.25
C SER D 251 11.71 -13.79 45.26
N GLY D 252 12.62 -13.04 44.65
CA GLY D 252 13.99 -13.45 44.54
C GLY D 252 14.36 -13.82 43.10
N GLN D 253 13.38 -14.15 42.27
CA GLN D 253 13.64 -14.54 40.86
C GLN D 253 13.52 -13.41 39.85
N GLU D 254 13.34 -12.19 40.34
CA GLU D 254 13.05 -11.06 39.45
C GLU D 254 14.09 -10.93 38.33
N GLN D 255 15.36 -11.15 38.66
CA GLN D 255 16.46 -11.01 37.68
C GLN D 255 16.41 -12.05 36.53
N ARG D 256 15.59 -13.10 36.68
CA ARG D 256 15.40 -14.04 35.58
C ARG D 256 14.44 -13.52 34.52
N TYR D 257 13.67 -12.48 34.86
CA TYR D 257 12.54 -12.09 34.04
C TYR D 257 12.85 -10.82 33.28
N THR D 258 12.60 -10.87 31.99
CA THR D 258 12.77 -9.69 31.16
C THR D 258 11.50 -9.40 30.35
N CYS D 259 11.21 -8.13 30.07
CA CYS D 259 10.08 -7.81 29.21
C CYS D 259 10.57 -7.28 27.87
N HIS D 260 9.90 -7.69 26.81
CA HIS D 260 10.42 -7.42 25.43
C HIS D 260 9.30 -6.68 24.71
N VAL D 261 9.65 -5.53 24.17
CA VAL D 261 8.65 -4.64 23.57
C VAL D 261 8.98 -4.40 22.10
N GLN D 262 8.01 -4.65 21.23
CA GLN D 262 8.15 -4.44 19.79
C GLN D 262 7.09 -3.48 19.30
N HIS D 263 7.53 -2.45 18.57
CA HIS D 263 6.66 -1.40 18.06
C HIS D 263 7.33 -0.76 16.90
N GLU D 264 6.56 -0.33 15.92
CA GLU D 264 7.15 0.27 14.71
C GLU D 264 7.96 1.58 14.96
N GLY D 265 7.66 2.27 16.06
CA GLY D 265 8.38 3.47 16.51
C GLY D 265 9.72 3.25 17.16
N LEU D 266 10.00 2.03 17.55
CA LEU D 266 11.28 1.70 18.13
C LEU D 266 12.24 1.41 16.98
N PRO D 267 13.46 1.99 17.00
CA PRO D 267 14.53 1.60 16.07
C PRO D 267 14.90 0.10 16.13
N LYS D 268 14.82 -0.49 17.32
CA LYS D 268 15.12 -1.89 17.62
C LYS D 268 14.14 -2.33 18.72
N PRO D 269 13.83 -3.64 18.83
CA PRO D 269 12.96 -4.01 19.96
C PRO D 269 13.70 -3.78 21.29
N LEU D 270 12.95 -3.44 22.34
CA LEU D 270 13.57 -3.10 23.61
C LEU D 270 13.50 -4.27 24.58
N THR D 271 14.57 -4.50 25.32
CA THR D 271 14.50 -5.40 26.45
C THR D 271 14.58 -4.60 27.75
N LEU D 272 13.68 -4.88 28.68
CA LEU D 272 13.71 -4.25 30.03
CA LEU D 272 13.74 -4.25 30.02
C LEU D 272 14.07 -5.31 31.06
N ARG D 273 14.94 -4.95 32.00
CA ARG D 273 15.50 -5.91 32.97
C ARG D 273 15.39 -5.41 34.37
N TRP D 274 15.55 -6.33 35.33
CA TRP D 274 15.48 -5.96 36.74
C TRP D 274 16.84 -5.74 37.39
N GLU D 275 17.86 -5.60 36.56
CA GLU D 275 19.24 -5.41 36.99
C GLU D 275 19.92 -4.64 35.89
N MET E 1 -27.80 -17.87 21.41
CA MET E 1 -26.94 -16.81 20.79
C MET E 1 -25.55 -16.67 21.41
N ILE E 2 -24.59 -16.25 20.59
CA ILE E 2 -23.25 -15.82 21.02
C ILE E 2 -23.36 -14.70 22.04
N GLN E 3 -22.68 -14.92 23.16
CA GLN E 3 -22.50 -13.90 24.15
C GLN E 3 -21.01 -13.89 24.54
N ARG E 4 -20.41 -12.69 24.62
CA ARG E 4 -19.04 -12.54 25.02
C ARG E 4 -18.93 -11.47 26.10
N THR E 5 -18.21 -11.79 27.18
CA THR E 5 -18.13 -10.96 28.39
C THR E 5 -17.21 -9.75 28.17
N PRO E 6 -17.64 -8.55 28.63
CA PRO E 6 -16.74 -7.37 28.56
C PRO E 6 -15.48 -7.58 29.40
N LYS E 7 -14.35 -7.13 28.83
CA LYS E 7 -13.09 -7.02 29.54
C LYS E 7 -13.02 -5.56 29.93
N ILE E 8 -12.93 -5.32 31.25
CA ILE E 8 -13.13 -3.94 31.82
C ILE E 8 -11.78 -3.43 32.32
N GLN E 9 -11.37 -2.24 31.89
CA GLN E 9 -10.15 -1.62 32.42
C GLN E 9 -10.46 -0.20 32.85
N VAL E 10 -10.03 0.15 34.07
CA VAL E 10 -10.24 1.50 34.63
C VAL E 10 -8.87 2.12 34.92
N TYR E 11 -8.65 3.31 34.37
CA TYR E 11 -7.27 3.86 34.34
C TYR E 11 -7.34 5.32 34.02
N SER E 12 -6.25 6.03 34.32
CA SER E 12 -6.16 7.46 33.99
C SER E 12 -5.38 7.64 32.70
N ARG E 13 -5.71 8.72 31.98
CA ARG E 13 -4.99 9.06 30.77
C ARG E 13 -3.48 9.27 30.99
N HIS E 14 -3.15 10.02 32.03
CA HIS E 14 -1.79 10.41 32.39
C HIS E 14 -1.49 9.84 33.79
N PRO E 15 -0.20 9.61 34.13
CA PRO E 15 0.08 9.17 35.49
C PRO E 15 -0.52 10.14 36.53
N ALA E 16 -1.17 9.58 37.53
CA ALA E 16 -1.98 10.39 38.43
C ALA E 16 -1.12 11.17 39.42
N GLU E 17 -1.50 12.43 39.64
CA GLU E 17 -0.86 13.27 40.62
C GLU E 17 -1.96 14.02 41.35
N ASN E 18 -1.97 13.92 42.68
CA ASN E 18 -3.01 14.56 43.51
C ASN E 18 -3.08 16.04 43.22
N GLY E 19 -4.28 16.52 42.89
CA GLY E 19 -4.48 17.96 42.67
C GLY E 19 -4.32 18.40 41.22
N LYS E 20 -3.94 17.47 40.35
CA LYS E 20 -3.69 17.80 38.95
C LYS E 20 -4.75 17.17 38.05
N SER E 21 -5.43 18.01 37.24
CA SER E 21 -6.49 17.50 36.34
CA SER E 21 -6.49 17.50 36.34
C SER E 21 -5.98 16.42 35.38
N ASN E 22 -6.86 15.46 35.11
CA ASN E 22 -6.52 14.25 34.35
C ASN E 22 -7.84 13.76 33.75
N PHE E 23 -7.83 12.61 33.08
CA PHE E 23 -9.03 11.99 32.55
C PHE E 23 -9.10 10.60 33.10
N LEU E 24 -10.27 10.22 33.58
CA LEU E 24 -10.53 8.87 34.06
C LEU E 24 -11.26 8.12 32.95
N ASN E 25 -10.70 6.97 32.58
CA ASN E 25 -11.19 6.10 31.50
C ASN E 25 -11.72 4.78 32.03
N CYS E 26 -12.84 4.33 31.46
CA CYS E 26 -13.31 2.94 31.61
C CYS E 26 -13.43 2.39 30.19
N TYR E 27 -12.51 1.49 29.85
CA TYR E 27 -12.53 0.87 28.54
C TYR E 27 -13.14 -0.51 28.66
N VAL E 28 -14.16 -0.79 27.86
CA VAL E 28 -14.84 -2.10 27.85
C VAL E 28 -14.65 -2.65 26.45
N SER E 29 -14.09 -3.85 26.35
CA SER E 29 -13.83 -4.45 25.01
C SER E 29 -14.18 -5.92 24.99
N GLY E 30 -14.25 -6.48 23.79
CA GLY E 30 -14.47 -7.93 23.71
C GLY E 30 -15.87 -8.42 23.96
N PHE E 31 -16.85 -7.52 23.99
CA PHE E 31 -18.23 -7.95 24.36
C PHE E 31 -19.17 -8.20 23.18
N HIS E 32 -20.19 -9.02 23.44
CA HIS E 32 -21.25 -9.25 22.45
C HIS E 32 -22.44 -9.79 23.24
N PRO E 33 -23.67 -9.30 23.00
CA PRO E 33 -24.08 -8.23 22.08
C PRO E 33 -23.72 -6.85 22.60
N SER E 34 -24.16 -5.83 21.85
CA SER E 34 -23.67 -4.47 22.05
C SER E 34 -24.33 -3.74 23.24
N ASP E 35 -25.52 -4.15 23.67
CA ASP E 35 -26.17 -3.45 24.78
CA ASP E 35 -26.16 -3.46 24.78
C ASP E 35 -25.32 -3.65 26.03
N ILE E 36 -24.97 -2.54 26.68
CA ILE E 36 -24.11 -2.56 27.85
C ILE E 36 -24.39 -1.27 28.63
N GLU E 37 -24.25 -1.36 29.96
CA GLU E 37 -24.38 -0.18 30.82
C GLU E 37 -23.01 0.03 31.46
N VAL E 38 -22.49 1.26 31.37
CA VAL E 38 -21.19 1.58 31.97
C VAL E 38 -21.32 2.89 32.75
N ASP E 39 -20.93 2.85 34.03
CA ASP E 39 -20.96 4.06 34.87
C ASP E 39 -19.61 4.25 35.51
N LEU E 40 -19.11 5.47 35.52
CA LEU E 40 -17.96 5.79 36.33
C LEU E 40 -18.47 6.30 37.68
N LEU E 41 -17.81 5.86 38.76
CA LEU E 41 -18.20 6.16 40.13
C LEU E 41 -17.16 6.94 40.88
N LYS E 42 -17.63 7.92 41.66
CA LYS E 42 -16.78 8.65 42.60
C LYS E 42 -17.35 8.41 43.97
N ASN E 43 -16.55 7.72 44.81
CA ASN E 43 -16.96 7.28 46.17
C ASN E 43 -18.32 6.59 46.15
N GLY E 44 -18.51 5.73 45.15
CA GLY E 44 -19.74 4.96 45.00
C GLY E 44 -20.91 5.61 44.28
N GLU E 45 -20.79 6.90 43.98
CA GLU E 45 -21.84 7.72 43.35
C GLU E 45 -21.61 7.85 41.83
N ARG E 46 -22.66 7.67 41.04
CA ARG E 46 -22.55 7.78 39.57
C ARG E 46 -22.16 9.21 39.16
N ILE E 47 -21.11 9.31 38.35
CA ILE E 47 -20.70 10.60 37.79
C ILE E 47 -21.57 10.88 36.55
N GLU E 48 -22.28 12.01 36.60
CA GLU E 48 -23.21 12.32 35.52
C GLU E 48 -22.55 12.86 34.28
N LYS E 49 -21.46 13.60 34.44
CA LYS E 49 -20.75 14.19 33.30
C LYS E 49 -19.72 13.21 32.73
N VAL E 50 -20.21 12.13 32.12
CA VAL E 50 -19.38 11.10 31.46
C VAL E 50 -19.75 10.99 29.98
N GLU E 51 -18.72 11.03 29.13
CA GLU E 51 -18.90 10.87 27.70
C GLU E 51 -18.49 9.50 27.27
N HIS E 52 -18.88 9.14 26.06
CA HIS E 52 -18.41 7.85 25.50
C HIS E 52 -18.13 7.91 24.01
N SER E 53 -17.31 6.96 23.58
CA SER E 53 -16.92 6.79 22.19
C SER E 53 -18.05 6.18 21.41
N ASP E 54 -17.97 6.32 20.10
CA ASP E 54 -18.94 5.77 19.19
C ASP E 54 -18.70 4.27 19.08
N LEU E 55 -19.77 3.47 19.09
CA LEU E 55 -19.62 1.98 19.05
C LEU E 55 -18.88 1.47 17.82
N SER E 56 -17.85 0.67 18.11
CA SER E 56 -17.07 0.07 17.04
C SER E 56 -16.74 -1.33 17.50
N PHE E 57 -16.02 -2.03 16.67
CA PHE E 57 -15.77 -3.42 16.95
C PHE E 57 -14.46 -3.89 16.31
N SER E 58 -13.95 -5.01 16.82
CA SER E 58 -12.66 -5.53 16.42
C SER E 58 -12.81 -6.56 15.30
N LYS E 59 -11.67 -7.12 14.88
CA LYS E 59 -11.61 -8.14 13.80
C LYS E 59 -12.51 -9.35 14.04
N ASP E 60 -12.62 -9.77 15.31
CA ASP E 60 -13.47 -10.90 15.70
C ASP E 60 -14.94 -10.58 15.92
N TRP E 61 -15.31 -9.33 15.59
CA TRP E 61 -16.69 -8.78 15.73
C TRP E 61 -17.03 -8.28 17.13
N SER E 62 -16.15 -8.47 18.10
CA SER E 62 -16.50 -8.09 19.43
C SER E 62 -16.42 -6.55 19.59
N PHE E 63 -17.34 -6.01 20.38
CA PHE E 63 -17.49 -4.56 20.55
C PHE E 63 -16.50 -3.95 21.48
N TYR E 64 -16.22 -2.67 21.26
CA TYR E 64 -15.52 -1.90 22.31
C TYR E 64 -16.07 -0.49 22.44
N LEU E 65 -15.94 0.04 23.65
CA LEU E 65 -16.37 1.43 23.98
C LEU E 65 -15.43 2.00 25.05
N LEU E 66 -15.12 3.29 24.91
CA LEU E 66 -14.39 4.03 25.93
C LEU E 66 -15.33 5.02 26.61
N TYR E 67 -15.46 4.92 27.93
CA TYR E 67 -16.21 5.91 28.72
C TYR E 67 -15.18 6.75 29.46
N TYR E 68 -15.40 8.06 29.53
CA TYR E 68 -14.39 8.94 30.07
C TYR E 68 -14.95 10.24 30.65
N THR E 69 -14.26 10.75 31.67
CA THR E 69 -14.59 12.03 32.33
C THR E 69 -13.30 12.76 32.76
N GLU E 70 -13.31 14.08 32.71
CA GLU E 70 -12.24 14.85 33.36
C GLU E 70 -12.38 14.68 34.88
N PHE E 71 -11.24 14.53 35.55
CA PHE E 71 -11.21 14.42 37.01
C PHE E 71 -9.91 14.92 37.56
N THR E 72 -9.95 15.25 38.85
CA THR E 72 -8.75 15.66 39.58
C THR E 72 -8.60 14.72 40.77
N PRO E 73 -7.64 13.78 40.69
CA PRO E 73 -7.45 12.83 41.80
C PRO E 73 -6.98 13.54 43.09
N THR E 74 -7.37 12.94 44.21
CA THR E 74 -7.00 13.38 45.53
C THR E 74 -6.54 12.12 46.26
N GLU E 75 -6.02 12.33 47.45
CA GLU E 75 -5.68 11.25 48.36
C GLU E 75 -6.87 10.33 48.70
N LYS E 76 -8.00 10.94 49.02
CA LYS E 76 -9.13 10.24 49.64
C LYS E 76 -10.15 9.65 48.68
N ASP E 77 -10.33 10.25 47.49
CA ASP E 77 -11.47 9.89 46.66
C ASP E 77 -11.21 8.58 45.94
N GLU E 78 -12.20 7.69 46.03
CA GLU E 78 -12.15 6.39 45.40
C GLU E 78 -12.92 6.43 44.10
N TYR E 79 -12.30 5.95 43.02
CA TYR E 79 -12.97 5.90 41.70
C TYR E 79 -13.14 4.48 41.26
N ALA E 80 -14.15 4.25 40.42
CA ALA E 80 -14.47 2.89 39.93
C ALA E 80 -15.31 2.97 38.67
N CYS E 81 -15.40 1.83 37.98
CA CYS E 81 -16.28 1.62 36.85
C CYS E 81 -17.27 0.52 37.19
N ARG E 82 -18.55 0.75 36.93
CA ARG E 82 -19.56 -0.28 37.15
C ARG E 82 -20.14 -0.68 35.82
N VAL E 83 -20.13 -1.95 35.53
CA VAL E 83 -20.52 -2.44 34.22
C VAL E 83 -21.62 -3.47 34.37
N ASN E 84 -22.71 -3.32 33.60
CA ASN E 84 -23.67 -4.43 33.46
C ASN E 84 -23.80 -4.90 32.01
N HIS E 85 -24.05 -6.20 31.86
CA HIS E 85 -24.09 -6.81 30.53
C HIS E 85 -24.81 -8.14 30.71
N VAL E 86 -25.42 -8.68 29.66
CA VAL E 86 -26.16 -9.96 29.77
C VAL E 86 -25.30 -11.13 30.31
N THR E 87 -23.97 -11.07 30.08
CA THR E 87 -23.04 -12.14 30.48
C THR E 87 -22.65 -12.10 31.96
N LEU E 88 -23.04 -11.03 32.64
CA LEU E 88 -22.66 -10.79 34.04
C LEU E 88 -23.90 -11.05 34.92
N SER E 89 -23.76 -11.85 35.97
CA SER E 89 -24.91 -12.16 36.84
C SER E 89 -25.34 -10.98 37.71
N GLN E 90 -24.39 -10.10 38.04
CA GLN E 90 -24.69 -8.82 38.67
C GLN E 90 -23.72 -7.80 38.08
N PRO E 91 -23.96 -6.47 38.31
CA PRO E 91 -22.95 -5.50 37.87
C PRO E 91 -21.59 -5.74 38.51
N LYS E 92 -20.56 -5.57 37.67
CA LYS E 92 -19.19 -5.80 38.03
C LYS E 92 -18.60 -4.44 38.28
N ILE E 93 -18.05 -4.27 39.49
CA ILE E 93 -17.38 -3.03 39.84
C ILE E 93 -15.86 -3.26 39.86
N VAL E 94 -15.13 -2.50 39.04
CA VAL E 94 -13.66 -2.52 39.00
C VAL E 94 -13.15 -1.20 39.56
N LYS E 95 -12.35 -1.27 40.62
CA LYS E 95 -11.82 -0.07 41.27
C LYS E 95 -10.60 0.45 40.54
N TRP E 96 -10.46 1.76 40.48
CA TRP E 96 -9.26 2.39 39.91
C TRP E 96 -8.10 2.19 40.87
N ASP E 97 -7.02 1.64 40.35
CA ASP E 97 -5.84 1.35 41.15
C ASP E 97 -4.71 2.13 40.54
N ARG E 98 -4.31 3.21 41.20
CA ARG E 98 -3.29 4.09 40.58
C ARG E 98 -1.86 3.59 40.65
N ASP E 99 -1.63 2.50 41.37
CA ASP E 99 -0.29 2.03 41.71
C ASP E 99 0.10 0.79 40.91
N MET E 100 -0.58 0.57 39.80
CA MET E 100 -0.28 -0.60 38.95
C MET E 100 0.98 -0.41 38.11
N LEU F 1 -14.21 7.84 2.23
CA LEU F 1 -15.48 7.95 1.41
C LEU F 1 -16.18 6.60 1.35
N LEU F 2 -17.45 6.60 1.74
CA LEU F 2 -18.32 5.41 1.64
C LEU F 2 -18.55 4.86 0.27
N TYR F 3 -18.78 3.53 0.22
CA TYR F 3 -19.32 2.85 -0.96
C TYR F 3 -20.73 3.37 -1.26
N GLY F 4 -21.07 3.48 -2.54
CA GLY F 4 -22.32 4.11 -2.94
C GLY F 4 -23.42 3.20 -3.48
N PHE F 5 -23.18 1.90 -3.48
CA PHE F 5 -24.15 0.98 -4.03
C PHE F 5 -24.79 0.15 -2.94
N VAL F 6 -25.99 -0.36 -3.19
CA VAL F 6 -26.62 -1.22 -2.19
C VAL F 6 -26.59 -2.72 -2.56
N ASN F 7 -26.49 -3.57 -1.54
CA ASN F 7 -26.54 -5.01 -1.76
C ASN F 7 -27.26 -5.65 -0.56
N TYR F 8 -28.48 -6.09 -0.79
CA TYR F 8 -29.27 -6.73 0.27
C TYR F 8 -28.82 -8.16 0.53
N ILE F 9 -28.75 -8.50 1.81
CA ILE F 9 -28.51 -9.89 2.27
C ILE F 9 -29.61 -10.84 1.74
#